data_4JZX
#
_entry.id   4JZX
#
_cell.length_a   80.428
_cell.length_b   85.805
_cell.length_c   106.867
_cell.angle_alpha   90.000
_cell.angle_beta   90.000
_cell.angle_gamma   90.000
#
_symmetry.space_group_name_H-M   'P 21 21 21'
#
loop_
_entity.id
_entity.type
_entity.pdbx_description
1 polymer 'Farnesyl pyrophosphate synthase'
2 non-polymer '3-METHYLBUT-3-ENYL TRIHYDROGEN DIPHOSPHATE'
3 non-polymer 3-butyl-1-(2,2-diphosphonoethyl)pyridinium
4 non-polymer 'CALCIUM ION'
5 water water
#
_entity_poly.entity_id   1
_entity_poly.type   'polypeptide(L)'
_entity_poly.pdbx_seq_one_letter_code
;(FME)AHMERFQKVYEEVQEFLLGDAEKRFEMDVHRKGYLKSMMDTTCLGGKYNRGLCVVDVAEAMAKDTQMDAAAMERV
LHDACVCGWMIEMLQAHFLVEDDIMDHSKTRRGKPCWYLHPGVTAQVAINDGLILLAWATQMALHYFADRPFLAEVLRVF
HDVDLTTTIGQLYDVTSMVDSAKLDAKVAHANTTDYVEYTPFNHRRIVVYKTAYYTYWLPLVMGLLVSGTLEKVDKKATH
KVAMVMGEYFQVQDDVMDCFTPPEKLGKIGTDIEDAKCSWLAVTFLTTAPAEKVAEFKANYGSTDPAAVAVIKQLYTEQN
LLARFEEYEKAVVAEVEQLIAALEAQNAAFAASVKVLWSKTYKRQK
;
_entity_poly.pdbx_strand_id   A,B
#
loop_
_chem_comp.id
_chem_comp.type
_chem_comp.name
_chem_comp.formula
476 non-polymer 3-butyl-1-(2,2-diphosphonoethyl)pyridinium 'C11 H20 N O6 P2 1'
CA non-polymer 'CALCIUM ION' 'Ca 2'
IPE non-polymer '3-METHYLBUT-3-ENYL TRIHYDROGEN DIPHOSPHATE' 'C5 H12 O7 P2'
#
# COMPACT_ATOMS: atom_id res chain seq x y z
N FME A 1 11.64 -19.78 -22.20
CN FME A 1 12.10 -20.69 -23.13
O1 FME A 1 11.54 -21.77 -23.28
CA FME A 1 10.21 -19.51 -22.40
CB FME A 1 9.58 -19.03 -21.09
CG FME A 1 9.62 -20.14 -20.02
SD FME A 1 9.30 -19.45 -18.42
CE FME A 1 9.60 -20.83 -17.38
C FME A 1 10.07 -18.51 -23.51
O FME A 1 10.93 -17.64 -23.68
N ALA A 2 9.00 -18.65 -24.30
CA ALA A 2 8.84 -17.88 -25.55
C ALA A 2 8.98 -16.36 -25.40
N HIS A 3 8.53 -15.83 -24.27
CA HIS A 3 8.50 -14.38 -24.08
C HIS A 3 9.47 -13.84 -23.04
N MET A 4 10.35 -14.69 -22.53
CA MET A 4 11.29 -14.25 -21.48
C MET A 4 12.19 -13.09 -21.93
N GLU A 5 12.78 -13.19 -23.13
CA GLU A 5 13.67 -12.13 -23.63
C GLU A 5 12.93 -10.80 -23.75
N ARG A 6 11.76 -10.83 -24.40
CA ARG A 6 10.93 -9.62 -24.54
C ARG A 6 10.52 -9.05 -23.17
N PHE A 7 10.11 -9.94 -22.26
CA PHE A 7 9.66 -9.54 -20.92
C PHE A 7 10.79 -8.84 -20.14
N GLN A 8 11.99 -9.40 -20.21
CA GLN A 8 13.14 -8.82 -19.53
C GLN A 8 13.54 -7.47 -20.13
N LYS A 9 13.41 -7.34 -21.46
CA LYS A 9 13.66 -6.08 -22.15
C LYS A 9 12.73 -5.00 -21.64
N VAL A 10 11.46 -5.35 -21.50
CA VAL A 10 10.46 -4.42 -21.01
C VAL A 10 10.74 -4.04 -19.55
N TYR A 11 11.24 -4.97 -18.74
CA TYR A 11 11.67 -4.63 -17.38
C TYR A 11 12.64 -3.44 -17.40
N GLU A 12 13.68 -3.56 -18.21
CA GLU A 12 14.70 -2.52 -18.30
CA GLU A 12 14.69 -2.51 -18.28
C GLU A 12 14.08 -1.20 -18.76
N GLU A 13 13.14 -1.28 -19.71
CA GLU A 13 12.46 -0.09 -20.21
C GLU A 13 11.65 0.60 -19.11
N VAL A 14 10.85 -0.20 -18.40
N VAL A 14 10.84 -0.18 -18.39
CA VAL A 14 9.97 0.29 -17.35
CA VAL A 14 9.96 0.39 -17.35
C VAL A 14 10.78 0.90 -16.20
C VAL A 14 10.75 0.89 -16.13
N GLN A 15 11.84 0.20 -15.79
CA GLN A 15 12.72 0.70 -14.72
C GLN A 15 13.31 2.05 -15.09
N GLU A 16 13.80 2.17 -16.32
CA GLU A 16 14.35 3.46 -16.77
C GLU A 16 13.29 4.56 -16.71
N PHE A 17 12.09 4.25 -17.19
CA PHE A 17 10.98 5.20 -17.10
C PHE A 17 10.70 5.63 -15.65
N LEU A 18 10.53 4.66 -14.76
CA LEU A 18 10.10 4.95 -13.39
C LEU A 18 11.14 5.78 -12.64
N LEU A 19 12.40 5.41 -12.78
CA LEU A 19 13.48 6.13 -12.11
C LEU A 19 13.65 7.52 -12.73
N GLY A 20 13.56 7.60 -14.06
CA GLY A 20 13.62 8.90 -14.75
C GLY A 20 12.48 9.83 -14.37
N ASP A 21 11.30 9.25 -14.18
CA ASP A 21 10.11 10.02 -13.79
C ASP A 21 10.25 10.62 -12.39
N ALA A 22 10.89 9.87 -11.50
CA ALA A 22 11.18 10.35 -10.15
C ALA A 22 12.19 11.50 -10.16
N GLU A 23 13.16 11.44 -11.08
CA GLU A 23 14.11 12.53 -11.26
C GLU A 23 13.40 13.80 -11.71
N LYS A 24 12.51 13.63 -12.67
CA LYS A 24 11.75 14.73 -13.26
C LYS A 24 10.78 15.36 -12.27
N ARG A 25 10.09 14.54 -11.50
CA ARG A 25 8.96 15.00 -10.70
C ARG A 25 9.32 15.31 -9.25
N PHE A 26 10.28 14.59 -8.69
CA PHE A 26 10.53 14.63 -7.24
C PHE A 26 11.94 15.03 -6.84
N GLU A 27 12.69 15.60 -7.78
CA GLU A 27 14.05 16.06 -7.50
C GLU A 27 14.92 14.92 -6.93
N MET A 28 14.70 13.71 -7.46
CA MET A 28 15.42 12.50 -7.04
C MET A 28 16.92 12.67 -7.27
N ASP A 29 17.71 12.42 -6.22
CA ASP A 29 19.16 12.55 -6.26
C ASP A 29 19.79 11.24 -6.69
N VAL A 30 21.06 11.29 -7.07
CA VAL A 30 21.79 10.14 -7.61
C VAL A 30 21.84 8.93 -6.65
N HIS A 31 22.03 9.21 -5.36
CA HIS A 31 22.20 8.16 -4.38
C HIS A 31 20.89 7.42 -4.12
N ARG A 32 19.80 8.17 -3.99
CA ARG A 32 18.51 7.53 -3.76
C ARG A 32 17.97 6.85 -5.02
N LYS A 33 18.30 7.39 -6.20
CA LYS A 33 17.99 6.72 -7.46
C LYS A 33 18.65 5.34 -7.51
N GLY A 34 19.94 5.30 -7.16
CA GLY A 34 20.68 4.03 -7.09
C GLY A 34 20.13 3.06 -6.03
N TYR A 35 19.75 3.61 -4.88
CA TYR A 35 19.06 2.82 -3.86
C TYR A 35 17.78 2.18 -4.44
N LEU A 36 16.96 2.98 -5.12
CA LEU A 36 15.68 2.51 -5.67
C LEU A 36 15.88 1.52 -6.81
N LYS A 37 16.92 1.71 -7.62
CA LYS A 37 17.27 0.73 -8.63
C LYS A 37 17.59 -0.62 -7.97
N SER A 38 18.44 -0.60 -6.94
CA SER A 38 18.82 -1.83 -6.26
C SER A 38 17.60 -2.46 -5.57
N MET A 39 16.75 -1.63 -4.99
CA MET A 39 15.50 -2.10 -4.38
C MET A 39 14.59 -2.79 -5.41
N MET A 40 14.37 -2.14 -6.55
CA MET A 40 13.53 -2.71 -7.59
C MET A 40 14.08 -4.05 -8.09
N ASP A 41 15.38 -4.09 -8.40
CA ASP A 41 16.04 -5.30 -8.87
C ASP A 41 15.94 -6.45 -7.85
N THR A 42 16.17 -6.14 -6.57
CA THR A 42 16.15 -7.16 -5.51
C THR A 42 14.74 -7.72 -5.28
N THR A 43 13.73 -6.86 -5.34
CA THR A 43 12.36 -7.22 -4.97
C THR A 43 11.51 -7.75 -6.13
N CYS A 44 11.83 -7.34 -7.37
CA CYS A 44 11.05 -7.69 -8.56
C CYS A 44 11.64 -8.81 -9.39
N LEU A 45 12.92 -9.10 -9.20
CA LEU A 45 13.61 -10.11 -10.00
C LEU A 45 13.93 -11.35 -9.18
N GLY A 46 14.17 -12.46 -9.87
CA GLY A 46 14.58 -13.70 -9.21
C GLY A 46 13.49 -14.72 -8.97
N GLY A 47 12.24 -14.34 -9.20
CA GLY A 47 11.10 -15.26 -9.08
C GLY A 47 10.93 -16.05 -10.37
N LYS A 48 9.83 -16.80 -10.47
CA LYS A 48 9.59 -17.65 -11.65
C LYS A 48 8.93 -16.90 -12.81
N TYR A 49 8.39 -15.72 -12.49
CA TYR A 49 7.63 -14.87 -13.44
C TYR A 49 6.36 -15.52 -14.01
N ASN A 50 5.81 -16.52 -13.31
CA ASN A 50 4.59 -17.18 -13.79
C ASN A 50 3.43 -16.20 -14.01
N ARG A 51 3.31 -15.20 -13.15
CA ARG A 51 2.21 -14.22 -13.28
C ARG A 51 2.41 -13.30 -14.48
N GLY A 52 3.59 -12.69 -14.56
CA GLY A 52 3.88 -11.74 -15.63
C GLY A 52 3.84 -12.41 -17.00
N LEU A 53 4.51 -13.55 -17.11
CA LEU A 53 4.57 -14.28 -18.39
C LEU A 53 3.20 -14.80 -18.80
N CYS A 54 2.35 -15.11 -17.83
CA CYS A 54 0.98 -15.53 -18.15
C CYS A 54 0.25 -14.46 -18.96
N VAL A 55 0.34 -13.20 -18.52
CA VAL A 55 -0.31 -12.10 -19.23
C VAL A 55 0.10 -12.11 -20.71
N VAL A 56 1.41 -12.26 -20.94
CA VAL A 56 1.94 -12.28 -22.31
C VAL A 56 1.44 -13.49 -23.11
N ASP A 57 1.44 -14.67 -22.49
CA ASP A 57 0.98 -15.90 -23.14
CA ASP A 57 0.98 -15.89 -23.17
C ASP A 57 -0.50 -15.78 -23.57
N VAL A 58 -1.33 -15.28 -22.65
CA VAL A 58 -2.75 -15.08 -22.94
C VAL A 58 -2.92 -14.06 -24.07
N ALA A 59 -2.25 -12.91 -23.96
CA ALA A 59 -2.40 -11.82 -24.91
C ALA A 59 -1.99 -12.27 -26.31
N GLU A 60 -0.88 -12.98 -26.40
CA GLU A 60 -0.43 -13.52 -27.68
C GLU A 60 -1.45 -14.49 -28.28
N ALA A 61 -1.90 -15.45 -27.47
CA ALA A 61 -2.93 -16.42 -27.89
C ALA A 61 -4.14 -15.71 -28.50
N MET A 62 -4.64 -14.69 -27.80
CA MET A 62 -5.84 -13.97 -28.26
C MET A 62 -5.59 -13.05 -29.45
N ALA A 63 -4.37 -12.51 -29.52
CA ALA A 63 -3.96 -11.70 -30.66
C ALA A 63 -3.87 -12.54 -31.93
N LYS A 64 -3.34 -13.76 -31.81
CA LYS A 64 -3.30 -14.70 -32.92
C LYS A 64 -4.72 -15.11 -33.32
N ASP A 65 -5.54 -15.41 -32.32
CA ASP A 65 -6.94 -15.80 -32.52
C ASP A 65 -7.74 -14.74 -33.29
N THR A 66 -7.46 -13.48 -33.01
CA THR A 66 -8.19 -12.37 -33.64
C THR A 66 -7.44 -11.80 -34.86
N GLN A 67 -6.42 -12.53 -35.32
CA GLN A 67 -5.69 -12.24 -36.57
C GLN A 67 -5.06 -10.85 -36.63
N MET A 68 -4.53 -10.36 -35.51
CA MET A 68 -3.89 -9.04 -35.49
C MET A 68 -2.69 -9.00 -36.43
N ASP A 69 -2.55 -7.88 -37.15
CA ASP A 69 -1.41 -7.69 -38.05
C ASP A 69 -0.14 -7.39 -37.26
N ALA A 70 0.99 -7.31 -37.97
CA ALA A 70 2.30 -7.16 -37.34
C ALA A 70 2.36 -6.01 -36.33
N ALA A 71 1.83 -4.84 -36.71
CA ALA A 71 1.86 -3.65 -35.85
C ALA A 71 0.97 -3.80 -34.62
N ALA A 72 -0.24 -4.32 -34.81
CA ALA A 72 -1.17 -4.56 -33.70
C ALA A 72 -0.65 -5.62 -32.73
N MET A 73 -0.02 -6.66 -33.28
CA MET A 73 0.58 -7.71 -32.48
C MET A 73 1.71 -7.18 -31.59
N GLU A 74 2.57 -6.35 -32.17
CA GLU A 74 3.67 -5.74 -31.43
C GLU A 74 3.18 -4.88 -30.26
N ARG A 75 2.11 -4.12 -30.50
CA ARG A 75 1.51 -3.28 -29.46
C ARG A 75 0.97 -4.15 -28.32
N VAL A 76 0.20 -5.18 -28.68
CA VAL A 76 -0.42 -6.06 -27.68
C VAL A 76 0.64 -6.77 -26.83
N LEU A 77 1.73 -7.20 -27.47
CA LEU A 77 2.81 -7.87 -26.74
C LEU A 77 3.50 -6.91 -25.77
N HIS A 78 3.74 -5.68 -26.21
CA HIS A 78 4.38 -4.69 -25.32
C HIS A 78 3.46 -4.33 -24.15
N ASP A 79 2.19 -4.08 -24.44
CA ASP A 79 1.18 -3.79 -23.42
C ASP A 79 1.06 -4.95 -22.44
N ALA A 80 1.06 -6.18 -22.96
CA ALA A 80 0.98 -7.37 -22.13
C ALA A 80 2.17 -7.50 -21.18
N CYS A 81 3.37 -7.20 -21.69
CA CYS A 81 4.58 -7.15 -20.87
C CYS A 81 4.47 -6.11 -19.75
N VAL A 82 3.93 -4.93 -20.07
CA VAL A 82 3.75 -3.87 -19.06
C VAL A 82 2.77 -4.36 -17.99
N CYS A 83 1.62 -4.91 -18.42
CA CYS A 83 0.67 -5.50 -17.47
C CYS A 83 1.32 -6.59 -16.62
N GLY A 84 2.14 -7.42 -17.25
CA GLY A 84 2.88 -8.46 -16.55
C GLY A 84 3.74 -7.90 -15.43
N TRP A 85 4.43 -6.80 -15.73
CA TRP A 85 5.30 -6.16 -14.74
C TRP A 85 4.48 -5.48 -13.64
N MET A 86 3.28 -5.01 -13.98
CA MET A 86 2.33 -4.54 -12.97
C MET A 86 2.08 -5.63 -11.93
N ILE A 87 1.80 -6.84 -12.40
CA ILE A 87 1.54 -7.96 -11.48
C ILE A 87 2.82 -8.38 -10.74
N GLU A 88 3.95 -8.42 -11.45
CA GLU A 88 5.22 -8.76 -10.79
C GLU A 88 5.60 -7.75 -9.71
N MET A 89 5.31 -6.47 -9.93
CA MET A 89 5.59 -5.44 -8.92
C MET A 89 4.57 -5.48 -7.76
N LEU A 90 3.35 -5.89 -8.07
CA LEU A 90 2.34 -6.15 -7.03
C LEU A 90 2.83 -7.31 -6.14
N GLN A 91 3.26 -8.39 -6.79
CA GLN A 91 3.93 -9.51 -6.11
C GLN A 91 5.09 -8.99 -5.26
N ALA A 92 5.97 -8.18 -5.85
CA ALA A 92 7.14 -7.63 -5.15
C ALA A 92 6.71 -6.87 -3.88
N HIS A 93 5.73 -6.00 -4.03
CA HIS A 93 5.07 -5.32 -2.91
C HIS A 93 4.59 -6.30 -1.83
N PHE A 94 3.81 -7.31 -2.22
CA PHE A 94 3.27 -8.29 -1.27
C PHE A 94 4.36 -9.01 -0.51
N LEU A 95 5.42 -9.43 -1.20
CA LEU A 95 6.47 -10.22 -0.57
C LEU A 95 7.33 -9.39 0.38
N VAL A 96 7.65 -8.16 -0.01
CA VAL A 96 8.36 -7.23 0.88
C VAL A 96 7.61 -7.12 2.21
N GLU A 97 6.32 -6.80 2.13
CA GLU A 97 5.49 -6.57 3.31
C GLU A 97 5.28 -7.84 4.12
N ASP A 98 5.04 -8.95 3.41
CA ASP A 98 4.82 -10.23 4.08
C ASP A 98 6.09 -10.75 4.78
N ASP A 99 7.25 -10.54 4.17
CA ASP A 99 8.51 -10.97 4.78
C ASP A 99 8.76 -10.22 6.09
N ILE A 100 8.31 -8.97 6.17
CA ILE A 100 8.34 -8.20 7.41
C ILE A 100 7.32 -8.78 8.41
N MET A 101 6.09 -8.99 7.94
CA MET A 101 5.02 -9.52 8.79
C MET A 101 5.34 -10.90 9.37
N ASP A 102 5.95 -11.75 8.55
CA ASP A 102 6.32 -13.11 8.98
C ASP A 102 7.67 -13.19 9.68
N HIS A 103 8.41 -12.09 9.67
CA HIS A 103 9.78 -12.01 10.25
C HIS A 103 10.70 -13.05 9.60
N SER A 104 10.63 -13.15 8.27
CA SER A 104 11.31 -14.21 7.52
C SER A 104 12.77 -13.87 7.24
N LYS A 105 13.53 -14.87 6.79
CA LYS A 105 14.98 -14.70 6.65
C LYS A 105 15.46 -14.65 5.22
N THR A 106 14.88 -15.50 4.35
CA THR A 106 15.29 -15.56 2.94
C THR A 106 14.12 -15.44 1.97
N ARG A 107 14.41 -14.87 0.81
CA ARG A 107 13.47 -14.76 -0.30
C ARG A 107 14.22 -14.92 -1.60
N ARG A 108 13.77 -15.86 -2.44
CA ARG A 108 14.37 -16.11 -3.76
C ARG A 108 15.89 -16.31 -3.67
N GLY A 109 16.30 -17.01 -2.62
CA GLY A 109 17.71 -17.39 -2.43
C GLY A 109 18.63 -16.30 -1.90
N LYS A 110 18.05 -15.18 -1.49
CA LYS A 110 18.81 -14.06 -0.93
C LYS A 110 18.14 -13.62 0.38
N PRO A 111 18.83 -12.80 1.20
CA PRO A 111 18.13 -12.31 2.38
C PRO A 111 16.89 -11.50 2.00
N CYS A 112 15.86 -11.55 2.86
CA CYS A 112 14.69 -10.68 2.70
C CYS A 112 15.11 -9.23 2.60
N TRP A 113 14.35 -8.45 1.83
CA TRP A 113 14.69 -7.04 1.64
C TRP A 113 14.92 -6.29 2.96
N TYR A 114 13.98 -6.43 3.89
CA TYR A 114 14.05 -5.69 5.15
C TYR A 114 15.29 -6.07 5.97
N LEU A 115 15.83 -7.26 5.69
CA LEU A 115 16.99 -7.79 6.41
C LEU A 115 18.33 -7.39 5.82
N HIS A 116 18.31 -6.76 4.64
CA HIS A 116 19.50 -6.09 4.12
C HIS A 116 19.90 -5.05 5.17
N PRO A 117 21.17 -5.06 5.62
CA PRO A 117 21.58 -4.29 6.82
C PRO A 117 21.36 -2.78 6.68
N GLY A 118 21.43 -2.28 5.45
CA GLY A 118 21.18 -0.87 5.16
C GLY A 118 19.73 -0.53 4.88
N VAL A 119 18.83 -1.47 5.14
CA VAL A 119 17.40 -1.26 4.91
C VAL A 119 16.61 -1.18 6.22
N THR A 120 16.44 -2.33 6.88
CA THR A 120 15.60 -2.49 8.10
C THR A 120 14.10 -2.40 7.79
N ALA A 121 13.30 -2.99 8.66
CA ALA A 121 11.85 -3.05 8.49
C ALA A 121 11.25 -1.64 8.38
N GLN A 122 11.79 -0.70 9.15
CA GLN A 122 11.29 0.67 9.21
C GLN A 122 11.44 1.45 7.90
N VAL A 123 12.37 1.06 7.05
CA VAL A 123 12.51 1.66 5.73
C VAL A 123 11.77 0.79 4.71
N ALA A 124 11.88 -0.53 4.90
CA ALA A 124 11.33 -1.52 3.96
C ALA A 124 9.81 -1.42 3.82
N ILE A 125 9.11 -1.10 4.90
CA ILE A 125 7.66 -0.91 4.82
C ILE A 125 7.34 0.09 3.72
N ASN A 126 8.03 1.23 3.75
CA ASN A 126 7.81 2.26 2.74
C ASN A 126 8.29 1.84 1.34
N ASP A 127 9.42 1.12 1.28
CA ASP A 127 9.87 0.56 -0.01
C ASP A 127 8.78 -0.29 -0.63
N GLY A 128 8.09 -1.10 0.19
CA GLY A 128 6.95 -1.86 -0.30
C GLY A 128 5.84 -0.97 -0.87
N LEU A 129 5.63 0.19 -0.25
CA LEU A 129 4.59 1.12 -0.72
C LEU A 129 4.97 1.74 -2.07
N ILE A 130 6.26 2.05 -2.22
CA ILE A 130 6.78 2.53 -3.50
C ILE A 130 6.51 1.52 -4.63
N LEU A 131 6.80 0.24 -4.38
CA LEU A 131 6.52 -0.82 -5.34
C LEU A 131 5.05 -0.82 -5.80
N LEU A 132 4.13 -0.78 -4.84
CA LEU A 132 2.70 -0.76 -5.16
C LEU A 132 2.31 0.44 -6.02
N ALA A 133 2.83 1.61 -5.64
CA ALA A 133 2.59 2.84 -6.39
C ALA A 133 3.13 2.74 -7.81
N TRP A 134 4.36 2.23 -7.96
CA TRP A 134 4.96 2.05 -9.28
C TRP A 134 4.09 1.20 -10.22
N ALA A 135 3.43 0.18 -9.68
CA ALA A 135 2.57 -0.69 -10.48
C ALA A 135 1.49 0.12 -11.20
N THR A 136 0.80 0.98 -10.45
CA THR A 136 -0.21 1.85 -11.03
C THR A 136 0.41 2.88 -11.97
N GLN A 137 1.60 3.38 -11.62
CA GLN A 137 2.31 4.32 -12.50
C GLN A 137 2.52 3.76 -13.91
N MET A 138 2.84 2.47 -13.99
CA MET A 138 3.05 1.88 -15.30
C MET A 138 1.79 1.94 -16.18
N ALA A 139 0.64 1.61 -15.58
CA ALA A 139 -0.63 1.69 -16.30
C ALA A 139 -0.93 3.12 -16.75
N LEU A 140 -0.76 4.07 -15.84
CA LEU A 140 -1.07 5.47 -16.09
C LEU A 140 -0.23 6.05 -17.21
N HIS A 141 1.02 5.60 -17.30
CA HIS A 141 1.91 6.08 -18.33
C HIS A 141 1.72 5.35 -19.67
N TYR A 142 1.91 4.03 -19.66
CA TYR A 142 1.89 3.24 -20.89
C TYR A 142 0.51 3.10 -21.52
N PHE A 143 -0.53 3.14 -20.70
CA PHE A 143 -1.89 2.96 -21.20
C PHE A 143 -2.73 4.25 -21.18
N ALA A 144 -2.06 5.40 -21.14
CA ALA A 144 -2.74 6.70 -21.09
C ALA A 144 -3.72 6.92 -22.25
N ASP A 145 -3.41 6.34 -23.41
CA ASP A 145 -4.23 6.51 -24.61
C ASP A 145 -5.08 5.28 -24.95
N ARG A 146 -5.07 4.29 -24.05
CA ARG A 146 -5.79 3.03 -24.26
C ARG A 146 -7.14 3.06 -23.54
N PRO A 147 -8.25 2.85 -24.29
CA PRO A 147 -9.54 2.72 -23.61
C PRO A 147 -9.58 1.63 -22.53
N PHE A 148 -8.74 0.60 -22.63
CA PHE A 148 -8.70 -0.45 -21.59
C PHE A 148 -8.03 -0.04 -20.26
N LEU A 149 -7.48 1.17 -20.20
CA LEU A 149 -6.85 1.65 -18.95
C LEU A 149 -7.81 1.56 -17.76
N ALA A 150 -9.04 2.04 -17.93
CA ALA A 150 -10.02 2.01 -16.86
C ALA A 150 -10.23 0.60 -16.28
N GLU A 151 -10.45 -0.37 -17.15
CA GLU A 151 -10.68 -1.74 -16.70
C GLU A 151 -9.44 -2.39 -16.09
N VAL A 152 -8.26 -2.07 -16.61
CA VAL A 152 -6.98 -2.51 -16.02
C VAL A 152 -6.86 -2.02 -14.57
N LEU A 153 -7.09 -0.72 -14.35
CA LEU A 153 -7.05 -0.14 -13.00
C LEU A 153 -8.07 -0.78 -12.06
N ARG A 154 -9.26 -1.03 -12.58
CA ARG A 154 -10.35 -1.60 -11.79
C ARG A 154 -10.00 -3.00 -11.31
N VAL A 155 -9.60 -3.86 -12.23
N VAL A 155 -9.59 -3.87 -12.24
CA VAL A 155 -9.28 -5.24 -11.87
CA VAL A 155 -9.27 -5.26 -11.88
C VAL A 155 -8.04 -5.31 -10.95
C VAL A 155 -8.04 -5.33 -10.97
N PHE A 156 -7.03 -4.50 -11.24
CA PHE A 156 -5.79 -4.47 -10.46
C PHE A 156 -6.08 -4.11 -9.01
N HIS A 157 -6.85 -3.04 -8.83
CA HIS A 157 -7.13 -2.56 -7.49
C HIS A 157 -8.15 -3.40 -6.74
N ASP A 158 -9.09 -3.99 -7.47
CA ASP A 158 -9.99 -4.98 -6.86
C ASP A 158 -9.18 -6.15 -6.31
N VAL A 159 -8.18 -6.59 -7.07
CA VAL A 159 -7.36 -7.73 -6.69
C VAL A 159 -6.41 -7.36 -5.54
N ASP A 160 -5.91 -6.14 -5.55
CA ASP A 160 -5.15 -5.64 -4.40
C ASP A 160 -5.97 -5.73 -3.10
N LEU A 161 -7.19 -5.20 -3.12
CA LEU A 161 -8.08 -5.30 -1.96
C LEU A 161 -8.25 -6.75 -1.55
N THR A 162 -8.60 -7.59 -2.51
CA THR A 162 -8.88 -9.00 -2.26
C THR A 162 -7.71 -9.64 -1.51
N THR A 163 -6.50 -9.42 -2.00
CA THR A 163 -5.31 -10.00 -1.38
C THR A 163 -5.11 -9.51 0.06
N THR A 164 -5.33 -8.22 0.30
CA THR A 164 -5.19 -7.67 1.66
C THR A 164 -6.21 -8.28 2.64
N ILE A 165 -7.41 -8.58 2.15
CA ILE A 165 -8.43 -9.27 2.98
C ILE A 165 -8.00 -10.73 3.24
N GLY A 166 -7.49 -11.39 2.21
CA GLY A 166 -6.90 -12.74 2.34
C GLY A 166 -5.79 -12.72 3.39
N GLN A 167 -4.94 -11.69 3.32
CA GLN A 167 -3.87 -11.54 4.32
C GLN A 167 -4.42 -11.34 5.73
N LEU A 168 -5.51 -10.56 5.84
CA LEU A 168 -6.19 -10.39 7.13
C LEU A 168 -6.60 -11.75 7.69
N TYR A 169 -7.23 -12.57 6.86
CA TYR A 169 -7.61 -13.93 7.27
C TYR A 169 -6.40 -14.76 7.71
N ASP A 170 -5.31 -14.63 6.97
CA ASP A 170 -4.09 -15.37 7.26
C ASP A 170 -3.47 -14.97 8.62
N VAL A 171 -3.30 -13.67 8.84
CA VAL A 171 -2.59 -13.19 10.04
C VAL A 171 -3.42 -13.33 11.31
N THR A 172 -4.72 -13.50 11.15
CA THR A 172 -5.64 -13.63 12.29
C THR A 172 -6.13 -15.07 12.50
N SER A 173 -5.52 -16.02 11.79
CA SER A 173 -6.04 -17.39 11.72
C SER A 173 -5.66 -18.29 12.91
N MET A 174 -4.63 -17.89 13.66
CA MET A 174 -4.12 -18.70 14.78
C MET A 174 -4.65 -18.24 16.15
N VAL A 175 -5.49 -17.22 16.13
CA VAL A 175 -6.21 -16.76 17.32
C VAL A 175 -7.69 -17.05 17.09
N ASP A 176 -8.37 -17.50 18.13
CA ASP A 176 -9.81 -17.75 18.06
C ASP A 176 -10.55 -16.45 17.67
N SER A 177 -11.35 -16.53 16.62
CA SER A 177 -11.91 -15.31 16.01
C SER A 177 -12.82 -14.50 16.94
N ALA A 178 -13.51 -15.18 17.85
CA ALA A 178 -14.35 -14.52 18.85
C ALA A 178 -13.51 -13.66 19.80
N LYS A 179 -12.21 -13.92 19.81
CA LYS A 179 -11.25 -13.26 20.71
C LYS A 179 -10.46 -12.15 20.00
N LEU A 180 -10.71 -11.97 18.71
CA LEU A 180 -10.10 -10.89 17.96
C LEU A 180 -10.68 -9.58 18.46
N ASP A 181 -9.84 -8.80 19.14
CA ASP A 181 -10.22 -7.55 19.77
C ASP A 181 -8.97 -6.69 19.83
N ALA A 182 -9.02 -5.56 19.15
CA ALA A 182 -7.84 -4.69 19.04
C ALA A 182 -7.32 -4.25 20.41
N LYS A 183 -8.25 -4.09 21.35
CA LYS A 183 -7.92 -3.59 22.69
C LYS A 183 -7.40 -4.65 23.65
N VAL A 184 -7.48 -5.92 23.26
CA VAL A 184 -7.12 -7.03 24.15
C VAL A 184 -6.27 -8.07 23.41
N ALA A 185 -5.08 -8.35 23.95
CA ALA A 185 -4.25 -9.42 23.41
C ALA A 185 -4.87 -10.77 23.80
N HIS A 186 -4.63 -11.79 22.98
CA HIS A 186 -5.05 -13.16 23.30
C HIS A 186 -4.01 -14.11 22.74
N ALA A 187 -3.75 -15.20 23.48
CA ALA A 187 -2.76 -16.17 23.04
C ALA A 187 -3.23 -16.86 21.76
N ASN A 188 -2.29 -17.44 21.03
CA ASN A 188 -2.64 -18.38 19.98
C ASN A 188 -3.54 -19.48 20.53
N THR A 189 -4.35 -20.07 19.66
CA THR A 189 -5.24 -21.15 20.04
C THR A 189 -4.51 -22.35 20.65
N THR A 190 -5.20 -23.06 21.52
CA THR A 190 -4.71 -24.32 22.09
C THR A 190 -5.54 -25.50 21.58
N ASP A 191 -6.74 -25.19 21.05
CA ASP A 191 -7.68 -26.22 20.63
C ASP A 191 -7.83 -26.38 19.12
N TYR A 192 -7.43 -25.35 18.38
CA TYR A 192 -7.44 -25.41 16.91
C TYR A 192 -8.80 -25.69 16.28
N VAL A 193 -9.88 -25.31 16.98
CA VAL A 193 -11.26 -25.56 16.48
C VAL A 193 -11.52 -24.89 15.12
N GLU A 194 -10.85 -23.75 14.88
CA GLU A 194 -11.05 -22.99 13.64
C GLU A 194 -10.15 -23.43 12.48
N TYR A 195 -9.38 -24.51 12.68
CA TYR A 195 -8.48 -25.04 11.64
C TYR A 195 -9.25 -26.01 10.77
N THR A 196 -10.10 -25.45 9.92
CA THR A 196 -11.08 -26.21 9.14
C THR A 196 -10.83 -26.08 7.63
N PRO A 197 -11.32 -27.07 6.84
CA PRO A 197 -11.21 -26.93 5.38
C PRO A 197 -11.81 -25.62 4.87
N PHE A 198 -12.95 -25.20 5.42
CA PHE A 198 -13.57 -23.93 5.00
C PHE A 198 -12.64 -22.74 5.24
N ASN A 199 -12.03 -22.68 6.44
CA ASN A 199 -11.16 -21.54 6.77
C ASN A 199 -9.86 -21.53 5.97
N HIS A 200 -9.33 -22.72 5.70
CA HIS A 200 -8.13 -22.79 4.88
C HIS A 200 -8.44 -22.33 3.45
N ARG A 201 -9.50 -22.87 2.86
CA ARG A 201 -9.94 -22.45 1.53
C ARG A 201 -10.13 -20.92 1.44
N ARG A 202 -10.79 -20.34 2.45
CA ARG A 202 -11.00 -18.89 2.47
C ARG A 202 -9.68 -18.10 2.48
N ILE A 203 -8.74 -18.48 3.34
CA ILE A 203 -7.44 -17.82 3.34
C ILE A 203 -6.79 -17.88 1.95
N VAL A 204 -6.68 -19.09 1.39
CA VAL A 204 -5.84 -19.27 0.20
C VAL A 204 -6.45 -18.69 -1.07
N VAL A 205 -7.76 -18.80 -1.22
CA VAL A 205 -8.44 -18.24 -2.41
C VAL A 205 -8.23 -16.71 -2.47
N TYR A 206 -8.44 -16.03 -1.34
CA TYR A 206 -8.32 -14.57 -1.31
C TYR A 206 -6.89 -14.05 -1.25
N LYS A 207 -6.01 -14.71 -0.50
CA LYS A 207 -4.62 -14.23 -0.40
C LYS A 207 -3.76 -14.58 -1.63
N THR A 208 -4.18 -15.58 -2.41
CA THR A 208 -3.33 -16.10 -3.49
C THR A 208 -3.99 -16.23 -4.86
N ALA A 209 -5.15 -16.89 -4.91
CA ALA A 209 -5.77 -17.24 -6.20
C ALA A 209 -6.10 -16.02 -7.06
N TYR A 210 -6.61 -14.96 -6.44
CA TYR A 210 -7.02 -13.78 -7.22
C TYR A 210 -5.84 -13.11 -7.93
N TYR A 211 -4.73 -12.89 -7.21
CA TYR A 211 -3.62 -12.18 -7.84
C TYR A 211 -2.67 -13.08 -8.63
N THR A 212 -2.69 -14.37 -8.32
CA THR A 212 -1.77 -15.30 -8.98
C THR A 212 -2.37 -15.97 -10.22
N TYR A 213 -3.69 -16.18 -10.22
CA TYR A 213 -4.36 -16.87 -11.33
C TYR A 213 -5.39 -16.04 -12.06
N TRP A 214 -6.28 -15.38 -11.33
CA TRP A 214 -7.34 -14.64 -11.99
C TRP A 214 -6.80 -13.37 -12.68
N LEU A 215 -5.99 -12.59 -11.96
CA LEU A 215 -5.49 -11.33 -12.48
C LEU A 215 -4.66 -11.45 -13.77
N PRO A 216 -3.68 -12.38 -13.83
CA PRO A 216 -2.92 -12.55 -15.06
C PRO A 216 -3.80 -12.90 -16.27
N LEU A 217 -4.75 -13.81 -16.07
CA LEU A 217 -5.65 -14.22 -17.14
C LEU A 217 -6.47 -13.04 -17.66
N VAL A 218 -7.10 -12.30 -16.73
CA VAL A 218 -7.94 -11.16 -17.09
C VAL A 218 -7.15 -10.04 -17.77
N MET A 219 -5.98 -9.69 -17.22
CA MET A 219 -5.16 -8.67 -17.86
C MET A 219 -4.79 -9.04 -19.31
N GLY A 220 -4.51 -10.32 -19.56
CA GLY A 220 -4.20 -10.79 -20.91
C GLY A 220 -5.37 -10.60 -21.87
N LEU A 221 -6.57 -10.87 -21.39
CA LEU A 221 -7.80 -10.63 -22.15
C LEU A 221 -8.01 -9.13 -22.39
N LEU A 222 -7.80 -8.32 -21.34
CA LEU A 222 -8.00 -6.88 -21.45
C LEU A 222 -7.06 -6.20 -22.45
N VAL A 223 -5.76 -6.50 -22.38
CA VAL A 223 -4.81 -5.86 -23.30
C VAL A 223 -5.02 -6.27 -24.76
N SER A 224 -5.55 -7.48 -24.98
CA SER A 224 -5.81 -7.99 -26.33
C SER A 224 -7.23 -7.66 -26.80
N GLY A 225 -8.01 -6.99 -25.95
CA GLY A 225 -9.39 -6.59 -26.28
C GLY A 225 -10.34 -7.75 -26.51
N THR A 226 -10.14 -8.83 -25.75
CA THR A 226 -10.90 -10.05 -25.96
C THR A 226 -11.69 -10.55 -24.74
N LEU A 227 -11.88 -9.71 -23.73
CA LEU A 227 -12.57 -10.13 -22.52
C LEU A 227 -13.99 -10.67 -22.80
N GLU A 228 -14.69 -10.02 -23.73
CA GLU A 228 -16.04 -10.41 -24.13
C GLU A 228 -16.11 -11.77 -24.83
N LYS A 229 -14.97 -12.28 -25.27
CA LYS A 229 -14.91 -13.54 -26.02
C LYS A 229 -14.96 -14.79 -25.14
N VAL A 230 -14.76 -14.62 -23.83
CA VAL A 230 -14.69 -15.78 -22.91
C VAL A 230 -15.75 -15.73 -21.81
N ASP A 231 -16.01 -16.91 -21.25
CA ASP A 231 -16.99 -17.09 -20.18
C ASP A 231 -16.41 -16.61 -18.84
N LYS A 232 -16.95 -15.49 -18.35
CA LYS A 232 -16.54 -14.85 -17.10
C LYS A 232 -16.56 -15.78 -15.88
N LYS A 233 -17.69 -16.45 -15.66
CA LYS A 233 -17.85 -17.36 -14.51
C LYS A 233 -16.89 -18.54 -14.59
N ALA A 234 -16.77 -19.11 -15.80
CA ALA A 234 -15.88 -20.26 -16.03
C ALA A 234 -14.42 -19.91 -15.77
N THR A 235 -13.99 -18.76 -16.30
CA THR A 235 -12.63 -18.25 -16.11
C THR A 235 -12.34 -18.06 -14.63
N HIS A 236 -13.24 -17.38 -13.92
CA HIS A 236 -13.11 -17.21 -12.49
C HIS A 236 -13.00 -18.55 -11.76
N LYS A 237 -13.86 -19.51 -12.13
CA LYS A 237 -13.89 -20.80 -11.45
C LYS A 237 -12.56 -21.53 -11.60
N VAL A 238 -12.04 -21.60 -12.82
CA VAL A 238 -10.78 -22.31 -13.07
C VAL A 238 -9.61 -21.61 -12.36
N ALA A 239 -9.66 -20.27 -12.29
CA ALA A 239 -8.63 -19.51 -11.59
C ALA A 239 -8.62 -19.85 -10.10
N MET A 240 -9.82 -19.96 -9.51
CA MET A 240 -9.95 -20.31 -8.10
C MET A 240 -9.45 -21.73 -7.78
N VAL A 241 -9.72 -22.67 -8.67
CA VAL A 241 -9.36 -24.08 -8.46
C VAL A 241 -7.84 -24.22 -8.54
N MET A 242 -7.24 -23.67 -9.59
CA MET A 242 -5.79 -23.70 -9.76
C MET A 242 -5.06 -22.93 -8.65
N GLY A 243 -5.62 -21.78 -8.26
CA GLY A 243 -4.99 -20.90 -7.28
C GLY A 243 -4.97 -21.53 -5.90
N GLU A 244 -6.08 -22.19 -5.54
CA GLU A 244 -6.14 -22.93 -4.30
C GLU A 244 -5.08 -24.03 -4.29
N TYR A 245 -5.05 -24.83 -5.34
CA TYR A 245 -4.04 -25.88 -5.51
C TYR A 245 -2.61 -25.32 -5.44
N PHE A 246 -2.36 -24.20 -6.11
CA PHE A 246 -1.04 -23.53 -6.05
C PHE A 246 -0.63 -23.23 -4.61
N GLN A 247 -1.54 -22.67 -3.82
CA GLN A 247 -1.22 -22.37 -2.41
C GLN A 247 -1.08 -23.62 -1.54
N VAL A 248 -1.88 -24.64 -1.84
CA VAL A 248 -1.71 -25.94 -1.18
C VAL A 248 -0.28 -26.49 -1.44
N GLN A 249 0.17 -26.43 -2.68
CA GLN A 249 1.54 -26.85 -3.02
C GLN A 249 2.54 -26.06 -2.18
N ASP A 250 2.35 -24.75 -2.13
CA ASP A 250 3.21 -23.87 -1.35
C ASP A 250 3.25 -24.28 0.12
N ASP A 251 2.07 -24.58 0.67
CA ASP A 251 1.93 -25.10 2.04
C ASP A 251 2.68 -26.43 2.22
N VAL A 252 2.52 -27.35 1.29
CA VAL A 252 3.17 -28.67 1.38
C VAL A 252 4.69 -28.48 1.34
N MET A 253 5.14 -27.64 0.42
CA MET A 253 6.58 -27.38 0.25
C MET A 253 7.24 -26.70 1.45
N ASP A 254 6.48 -25.89 2.19
CA ASP A 254 6.96 -25.27 3.43
C ASP A 254 7.59 -26.31 4.35
N CYS A 255 6.94 -27.46 4.45
CA CYS A 255 7.40 -28.52 5.33
C CYS A 255 8.36 -29.49 4.64
N PHE A 256 8.03 -29.89 3.41
CA PHE A 256 8.68 -31.05 2.77
C PHE A 256 9.73 -30.74 1.68
N THR A 257 9.81 -29.49 1.23
CA THR A 257 10.82 -29.12 0.24
C THR A 257 11.99 -28.41 0.93
N PRO A 258 13.23 -28.87 0.69
CA PRO A 258 14.42 -28.22 1.25
C PRO A 258 14.47 -26.72 0.91
N PRO A 259 14.72 -25.86 1.92
CA PRO A 259 14.76 -24.40 1.79
C PRO A 259 15.72 -23.91 0.71
N GLU A 260 16.82 -24.65 0.50
CA GLU A 260 17.78 -24.30 -0.54
C GLU A 260 17.20 -24.47 -1.96
N LYS A 261 16.32 -25.46 -2.14
CA LYS A 261 15.63 -25.68 -3.41
C LYS A 261 14.49 -24.68 -3.56
N LEU A 262 13.74 -24.48 -2.48
CA LEU A 262 12.61 -23.56 -2.48
C LEU A 262 12.99 -22.09 -2.63
N GLY A 263 14.14 -21.70 -2.06
CA GLY A 263 14.64 -20.32 -2.11
C GLY A 263 14.20 -19.46 -0.93
N LYS A 264 13.45 -20.06 -0.01
CA LYS A 264 12.93 -19.37 1.17
C LYS A 264 12.84 -20.34 2.34
N ILE A 265 12.83 -19.81 3.55
CA ILE A 265 12.69 -20.61 4.78
C ILE A 265 11.35 -20.32 5.43
N GLY A 266 10.39 -21.19 5.19
CA GLY A 266 9.05 -21.07 5.79
C GLY A 266 9.06 -21.42 7.26
N THR A 267 8.15 -20.82 8.01
CA THR A 267 8.02 -21.08 9.43
C THR A 267 6.56 -21.35 9.80
N ASP A 268 5.82 -22.01 8.89
CA ASP A 268 4.40 -22.28 9.12
C ASP A 268 4.16 -23.02 10.44
N ILE A 269 5.01 -24.00 10.73
CA ILE A 269 4.84 -24.84 11.91
C ILE A 269 5.08 -24.05 13.20
N GLU A 270 6.21 -23.38 13.30
CA GLU A 270 6.51 -22.62 14.52
C GLU A 270 5.55 -21.44 14.71
N ASP A 271 5.01 -20.91 13.61
CA ASP A 271 4.06 -19.81 13.67
C ASP A 271 2.59 -20.22 13.81
N ALA A 272 2.35 -21.52 13.91
CA ALA A 272 1.01 -22.08 14.12
C ALA A 272 0.02 -21.74 12.99
N LYS A 273 0.54 -21.73 11.76
CA LYS A 273 -0.25 -21.31 10.60
C LYS A 273 -1.32 -22.33 10.23
N CYS A 274 -2.47 -21.85 9.79
CA CYS A 274 -3.55 -22.70 9.32
C CYS A 274 -3.22 -23.15 7.90
N SER A 275 -2.23 -24.03 7.78
CA SER A 275 -1.77 -24.53 6.49
C SER A 275 -2.64 -25.71 6.07
N TRP A 276 -2.54 -26.09 4.78
CA TRP A 276 -3.23 -27.28 4.29
C TRP A 276 -2.81 -28.52 5.09
N LEU A 277 -1.51 -28.61 5.41
CA LEU A 277 -0.98 -29.73 6.20
C LEU A 277 -1.63 -29.81 7.58
N ALA A 278 -1.66 -28.69 8.29
CA ALA A 278 -2.29 -28.62 9.62
C ALA A 278 -3.76 -29.04 9.55
N VAL A 279 -4.54 -28.44 8.64
CA VAL A 279 -5.97 -28.74 8.51
C VAL A 279 -6.23 -30.21 8.13
N THR A 280 -5.50 -30.70 7.14
CA THR A 280 -5.67 -32.09 6.68
C THR A 280 -5.30 -33.08 7.79
N PHE A 281 -4.22 -32.78 8.51
CA PHE A 281 -3.81 -33.61 9.65
C PHE A 281 -4.90 -33.64 10.72
N LEU A 282 -5.28 -32.46 11.19
CA LEU A 282 -6.26 -32.32 12.27
C LEU A 282 -7.61 -32.99 11.98
N THR A 283 -8.00 -33.01 10.71
CA THR A 283 -9.30 -33.55 10.33
C THR A 283 -9.28 -35.06 10.02
N THR A 284 -8.09 -35.65 9.92
CA THR A 284 -7.96 -37.07 9.53
C THR A 284 -7.19 -37.96 10.52
N ALA A 285 -6.32 -37.36 11.33
CA ALA A 285 -5.48 -38.13 12.28
C ALA A 285 -6.27 -38.70 13.47
N PRO A 286 -5.85 -39.87 13.99
CA PRO A 286 -6.46 -40.41 15.23
C PRO A 286 -6.24 -39.47 16.42
N ALA A 287 -7.09 -39.60 17.45
CA ALA A 287 -7.10 -38.66 18.59
C ALA A 287 -5.76 -38.49 19.32
N GLU A 288 -5.03 -39.59 19.51
N GLU A 288 -5.04 -39.60 19.50
CA GLU A 288 -3.75 -39.52 20.23
CA GLU A 288 -3.75 -39.57 20.20
C GLU A 288 -2.70 -38.73 19.46
C GLU A 288 -2.73 -38.72 19.46
N LYS A 289 -2.75 -38.79 18.12
CA LYS A 289 -1.83 -38.02 17.28
C LYS A 289 -2.21 -36.54 17.25
N VAL A 290 -3.51 -36.26 17.27
CA VAL A 290 -4.01 -34.89 17.37
C VAL A 290 -3.55 -34.27 18.69
N ALA A 291 -3.61 -35.04 19.76
CA ALA A 291 -3.11 -34.59 21.07
C ALA A 291 -1.63 -34.23 20.99
N GLU A 292 -0.84 -35.09 20.34
CA GLU A 292 0.60 -34.86 20.14
C GLU A 292 0.86 -33.56 19.36
N PHE A 293 0.10 -33.35 18.29
CA PHE A 293 0.17 -32.13 17.48
C PHE A 293 -0.02 -30.88 18.32
N LYS A 294 -1.10 -30.88 19.08
CA LYS A 294 -1.48 -29.71 19.87
C LYS A 294 -0.42 -29.38 20.92
N ALA A 295 0.28 -30.42 21.39
CA ALA A 295 1.32 -30.25 22.40
C ALA A 295 2.65 -29.76 21.82
N ASN A 296 2.75 -29.70 20.49
CA ASN A 296 4.02 -29.37 19.82
C ASN A 296 3.95 -28.26 18.78
N TYR A 297 2.77 -28.02 18.22
CA TYR A 297 2.60 -27.05 17.14
C TYR A 297 2.76 -25.61 17.65
N GLY A 298 3.27 -24.73 16.80
CA GLY A 298 3.38 -23.30 17.13
C GLY A 298 4.47 -23.00 18.14
N SER A 299 5.49 -23.84 18.16
CA SER A 299 6.62 -23.70 19.06
C SER A 299 7.89 -23.52 18.24
N THR A 300 8.74 -22.59 18.66
CA THR A 300 9.99 -22.31 17.96
C THR A 300 11.08 -23.37 18.25
N ASP A 301 10.80 -24.28 19.19
CA ASP A 301 11.76 -25.34 19.51
C ASP A 301 11.96 -26.22 18.29
N PRO A 302 13.22 -26.34 17.81
CA PRO A 302 13.49 -27.13 16.59
C PRO A 302 13.04 -28.59 16.69
N ALA A 303 13.13 -29.18 17.89
CA ALA A 303 12.63 -30.54 18.12
C ALA A 303 11.11 -30.64 18.00
N ALA A 304 10.40 -29.63 18.49
CA ALA A 304 8.94 -29.57 18.42
C ALA A 304 8.47 -29.50 16.97
N VAL A 305 9.18 -28.70 16.18
CA VAL A 305 8.94 -28.57 14.74
C VAL A 305 9.15 -29.93 14.06
N ALA A 306 10.23 -30.61 14.43
CA ALA A 306 10.53 -31.95 13.92
C ALA A 306 9.46 -32.98 14.28
N VAL A 307 8.92 -32.89 15.50
CA VAL A 307 7.78 -33.72 15.94
C VAL A 307 6.60 -33.58 14.98
N ILE A 308 6.28 -32.33 14.64
CA ILE A 308 5.17 -32.03 13.73
C ILE A 308 5.43 -32.65 12.36
N LYS A 309 6.64 -32.43 11.82
CA LYS A 309 7.02 -33.02 10.54
C LYS A 309 6.87 -34.56 10.56
N GLN A 310 7.34 -35.19 11.64
CA GLN A 310 7.20 -36.63 11.83
C GLN A 310 5.72 -37.05 11.85
N LEU A 311 4.90 -36.30 12.58
CA LEU A 311 3.44 -36.55 12.63
C LEU A 311 2.81 -36.49 11.23
N TYR A 312 3.21 -35.48 10.46
CA TYR A 312 2.72 -35.33 9.08
C TYR A 312 3.13 -36.51 8.21
N THR A 313 4.39 -36.90 8.31
CA THR A 313 4.93 -38.04 7.56
C THR A 313 4.18 -39.32 7.88
N GLU A 314 4.00 -39.58 9.18
CA GLU A 314 3.36 -40.81 9.64
C GLU A 314 1.87 -40.85 9.32
N GLN A 315 1.27 -39.67 9.15
CA GLN A 315 -0.13 -39.55 8.74
C GLN A 315 -0.27 -39.54 7.20
N ASN A 316 0.85 -39.74 6.50
CA ASN A 316 0.90 -39.86 5.04
C ASN A 316 0.41 -38.61 4.31
N LEU A 317 0.80 -37.43 4.82
CA LEU A 317 0.29 -36.17 4.24
C LEU A 317 0.64 -36.01 2.77
N LEU A 318 1.83 -36.48 2.37
CA LEU A 318 2.23 -36.40 0.98
C LEU A 318 1.31 -37.23 0.08
N ALA A 319 0.98 -38.44 0.55
CA ALA A 319 0.04 -39.29 -0.20
C ALA A 319 -1.33 -38.66 -0.29
N ARG A 320 -1.79 -38.06 0.81
CA ARG A 320 -3.07 -37.35 0.83
C ARG A 320 -3.06 -36.14 -0.11
N PHE A 321 -1.92 -35.45 -0.20
CA PHE A 321 -1.78 -34.40 -1.22
C PHE A 321 -1.88 -34.95 -2.65
N GLU A 322 -1.19 -36.07 -2.91
CA GLU A 322 -1.25 -36.75 -4.20
C GLU A 322 -2.69 -37.05 -4.61
N GLU A 323 -3.50 -37.51 -3.67
CA GLU A 323 -4.92 -37.77 -3.95
C GLU A 323 -5.70 -36.47 -4.21
N TYR A 324 -5.47 -35.45 -3.40
CA TYR A 324 -6.04 -34.11 -3.66
C TYR A 324 -5.69 -33.63 -5.08
N GLU A 325 -4.42 -33.78 -5.44
CA GLU A 325 -3.92 -33.38 -6.76
C GLU A 325 -4.66 -34.08 -7.91
N LYS A 326 -4.92 -35.38 -7.76
CA LYS A 326 -5.66 -36.13 -8.78
C LYS A 326 -7.08 -35.57 -8.98
N ALA A 327 -7.74 -35.19 -7.89
CA ALA A 327 -9.05 -34.57 -7.95
C ALA A 327 -9.00 -33.20 -8.64
N VAL A 328 -7.96 -32.43 -8.33
CA VAL A 328 -7.76 -31.11 -8.95
C VAL A 328 -7.54 -31.26 -10.45
N VAL A 329 -6.65 -32.18 -10.84
CA VAL A 329 -6.41 -32.44 -12.27
C VAL A 329 -7.71 -32.69 -13.03
N ALA A 330 -8.54 -33.58 -12.50
CA ALA A 330 -9.83 -33.92 -13.08
C ALA A 330 -10.76 -32.71 -13.23
N GLU A 331 -10.86 -31.90 -12.17
CA GLU A 331 -11.71 -30.70 -12.22
C GLU A 331 -11.13 -29.66 -13.19
N VAL A 332 -9.82 -29.40 -13.12
CA VAL A 332 -9.19 -28.43 -14.02
C VAL A 332 -9.40 -28.84 -15.49
N GLU A 333 -9.21 -30.11 -15.78
CA GLU A 333 -9.40 -30.61 -17.14
C GLU A 333 -10.83 -30.46 -17.66
N GLN A 334 -11.81 -30.70 -16.78
CA GLN A 334 -13.22 -30.51 -17.11
CA GLN A 334 -13.22 -30.52 -17.11
C GLN A 334 -13.48 -29.05 -17.45
N LEU A 335 -13.02 -28.15 -16.59
CA LEU A 335 -13.19 -26.72 -16.77
C LEU A 335 -12.52 -26.20 -18.05
N ILE A 336 -11.33 -26.69 -18.34
CA ILE A 336 -10.62 -26.30 -19.57
C ILE A 336 -11.36 -26.81 -20.81
N ALA A 337 -11.86 -28.05 -20.73
CA ALA A 337 -12.61 -28.63 -21.84
C ALA A 337 -13.84 -27.79 -22.17
N ALA A 338 -14.52 -27.29 -21.14
CA ALA A 338 -15.68 -26.41 -21.31
C ALA A 338 -15.29 -25.06 -21.90
N LEU A 339 -14.17 -24.50 -21.42
CA LEU A 339 -13.63 -23.28 -22.02
C LEU A 339 -13.28 -23.48 -23.50
N GLU A 340 -12.69 -24.64 -23.80
CA GLU A 340 -12.24 -24.98 -25.16
C GLU A 340 -13.38 -25.04 -26.18
N ALA A 341 -14.55 -25.46 -25.72
CA ALA A 341 -15.74 -25.52 -26.57
C ALA A 341 -16.25 -24.12 -26.94
N GLN A 342 -15.86 -23.12 -26.16
CA GLN A 342 -16.27 -21.72 -26.36
C GLN A 342 -15.21 -20.90 -27.10
N ASN A 343 -13.97 -20.98 -26.62
CA ASN A 343 -12.84 -20.33 -27.27
C ASN A 343 -11.59 -21.15 -27.04
N ALA A 344 -11.13 -21.82 -28.09
CA ALA A 344 -10.02 -22.77 -27.97
C ALA A 344 -8.69 -22.08 -27.66
N ALA A 345 -8.52 -20.87 -28.21
CA ALA A 345 -7.28 -20.11 -28.03
C ALA A 345 -7.07 -19.75 -26.56
N PHE A 346 -8.14 -19.28 -25.91
CA PHE A 346 -8.04 -18.97 -24.49
C PHE A 346 -7.83 -20.23 -23.63
N ALA A 347 -8.56 -21.28 -23.96
CA ALA A 347 -8.43 -22.56 -23.27
C ALA A 347 -6.98 -23.06 -23.30
N ALA A 348 -6.33 -22.92 -24.45
CA ALA A 348 -4.92 -23.30 -24.58
C ALA A 348 -4.03 -22.48 -23.66
N SER A 349 -4.34 -21.19 -23.51
CA SER A 349 -3.53 -20.34 -22.63
C SER A 349 -3.70 -20.72 -21.14
N VAL A 350 -4.92 -21.15 -20.78
CA VAL A 350 -5.14 -21.69 -19.42
C VAL A 350 -4.36 -22.99 -19.24
N LYS A 351 -4.31 -23.83 -20.29
CA LYS A 351 -3.50 -25.06 -20.25
C LYS A 351 -2.01 -24.77 -20.01
N VAL A 352 -1.50 -23.72 -20.65
CA VAL A 352 -0.09 -23.29 -20.47
C VAL A 352 0.16 -22.96 -18.99
N LEU A 353 -0.71 -22.13 -18.42
CA LEU A 353 -0.62 -21.75 -17.01
C LEU A 353 -0.72 -22.97 -16.09
N TRP A 354 -1.69 -23.84 -16.37
CA TRP A 354 -1.84 -25.08 -15.61
C TRP A 354 -0.59 -25.96 -15.68
N SER A 355 0.00 -26.06 -16.87
CA SER A 355 1.21 -26.89 -17.05
C SER A 355 2.42 -26.39 -16.24
N LYS A 356 2.47 -25.09 -16.00
CA LYS A 356 3.54 -24.49 -15.19
C LYS A 356 3.27 -24.61 -13.69
N THR A 357 2.05 -25.03 -13.35
CA THR A 357 1.59 -25.17 -11.98
C THR A 357 1.65 -26.64 -11.54
N TYR A 358 0.97 -27.50 -12.29
CA TYR A 358 0.86 -28.94 -11.98
C TYR A 358 2.21 -29.58 -11.70
N LYS A 359 2.33 -30.18 -10.51
CA LYS A 359 3.56 -30.89 -10.11
C LYS A 359 4.85 -30.07 -10.16
N ARG A 360 4.73 -28.75 -9.98
CA ARG A 360 5.91 -27.88 -9.85
C ARG A 360 6.71 -28.29 -8.62
N GLN A 361 8.00 -27.98 -8.63
CA GLN A 361 8.89 -28.38 -7.52
C GLN A 361 9.43 -27.21 -6.71
N LYS A 362 9.11 -26.00 -7.15
CA LYS A 362 9.44 -24.77 -6.43
C LYS A 362 8.52 -23.63 -6.85
N FME B 1 -18.81 23.39 11.41
CN FME B 1 -19.43 24.51 11.94
O1 FME B 1 -18.98 25.64 11.78
CA FME B 1 -18.34 23.61 10.03
CB FME B 1 -17.07 22.81 9.77
CG FME B 1 -15.88 23.37 10.56
SD FME B 1 -14.48 22.30 10.42
CE FME B 1 -13.46 22.89 11.73
C FME B 1 -19.46 23.24 9.10
O FME B 1 -20.17 22.26 9.35
N ALA B 2 -19.62 24.00 8.01
CA ALA B 2 -20.82 23.90 7.16
C ALA B 2 -21.13 22.47 6.70
N HIS B 3 -20.11 21.72 6.33
CA HIS B 3 -20.33 20.40 5.74
C HIS B 3 -20.02 19.23 6.66
N MET B 4 -19.73 19.51 7.93
CA MET B 4 -19.37 18.45 8.87
C MET B 4 -20.45 17.38 9.04
N GLU B 5 -21.70 17.81 9.20
CA GLU B 5 -22.81 16.88 9.40
C GLU B 5 -22.97 15.95 8.19
N ARG B 6 -23.00 16.54 7.00
CA ARG B 6 -23.11 15.79 5.75
C ARG B 6 -21.92 14.84 5.60
N PHE B 7 -20.73 15.36 5.90
CA PHE B 7 -19.49 14.59 5.78
C PHE B 7 -19.53 13.35 6.68
N GLN B 8 -20.01 13.52 7.91
CA GLN B 8 -20.08 12.38 8.84
C GLN B 8 -21.15 11.37 8.43
N LYS B 9 -22.27 11.86 7.91
CA LYS B 9 -23.32 11.02 7.35
C LYS B 9 -22.77 10.12 6.25
N VAL B 10 -21.95 10.70 5.37
CA VAL B 10 -21.35 9.94 4.27
C VAL B 10 -20.35 8.90 4.81
N TYR B 11 -19.63 9.22 5.87
CA TYR B 11 -18.74 8.23 6.50
C TYR B 11 -19.50 6.95 6.82
N GLU B 12 -20.63 7.10 7.50
CA GLU B 12 -21.42 5.94 7.89
CA GLU B 12 -21.49 5.97 7.89
C GLU B 12 -21.89 5.14 6.67
N GLU B 13 -22.27 5.85 5.61
CA GLU B 13 -22.71 5.23 4.36
C GLU B 13 -21.57 4.42 3.72
N VAL B 14 -20.40 5.05 3.65
CA VAL B 14 -19.24 4.46 3.01
C VAL B 14 -18.75 3.25 3.80
N GLN B 15 -18.78 3.38 5.12
CA GLN B 15 -18.41 2.25 5.98
C GLN B 15 -19.36 1.07 5.79
N GLU B 16 -20.66 1.33 5.81
CA GLU B 16 -21.64 0.27 5.56
C GLU B 16 -21.39 -0.41 4.21
N PHE B 17 -21.18 0.40 3.16
CA PHE B 17 -20.84 -0.16 1.86
C PHE B 17 -19.59 -1.05 1.89
N LEU B 18 -18.48 -0.52 2.41
CA LEU B 18 -17.20 -1.24 2.36
C LEU B 18 -17.25 -2.57 3.12
N LEU B 19 -17.81 -2.54 4.32
CA LEU B 19 -17.95 -3.75 5.12
C LEU B 19 -18.93 -4.72 4.50
N GLY B 20 -20.03 -4.21 3.95
CA GLY B 20 -21.00 -5.02 3.24
C GLY B 20 -20.41 -5.66 1.99
N ASP B 21 -19.53 -4.92 1.32
CA ASP B 21 -18.91 -5.44 0.09
C ASP B 21 -17.96 -6.59 0.43
N ALA B 22 -17.31 -6.51 1.59
CA ALA B 22 -16.44 -7.59 2.06
C ALA B 22 -17.23 -8.87 2.40
N GLU B 23 -18.44 -8.69 2.93
CA GLU B 23 -19.31 -9.81 3.21
C GLU B 23 -19.71 -10.51 1.93
N LYS B 24 -20.07 -9.71 0.93
CA LYS B 24 -20.55 -10.22 -0.36
C LYS B 24 -19.44 -10.91 -1.16
N ARG B 25 -18.24 -10.31 -1.14
CA ARG B 25 -17.16 -10.73 -2.04
C ARG B 25 -16.17 -11.70 -1.43
N PHE B 26 -15.91 -11.56 -0.13
CA PHE B 26 -14.79 -12.27 0.51
C PHE B 26 -15.20 -13.17 1.66
N GLU B 27 -16.50 -13.43 1.79
CA GLU B 27 -17.00 -14.33 2.83
C GLU B 27 -16.59 -13.83 4.23
N MET B 28 -16.63 -12.51 4.39
CA MET B 28 -16.23 -11.86 5.64
C MET B 28 -17.14 -12.32 6.77
N ASP B 29 -16.54 -12.74 7.88
CA ASP B 29 -17.28 -13.21 9.05
C ASP B 29 -17.56 -12.07 10.03
N VAL B 30 -18.49 -12.29 10.95
CA VAL B 30 -18.95 -11.26 11.87
C VAL B 30 -17.82 -10.67 12.73
N HIS B 31 -16.88 -11.52 13.15
CA HIS B 31 -15.82 -11.07 14.05
C HIS B 31 -14.83 -10.17 13.35
N ARG B 32 -14.39 -10.58 12.17
CA ARG B 32 -13.44 -9.77 11.41
C ARG B 32 -14.09 -8.51 10.84
N LYS B 33 -15.39 -8.58 10.54
CA LYS B 33 -16.15 -7.38 10.18
C LYS B 33 -16.07 -6.38 11.33
N GLY B 34 -16.31 -6.86 12.56
CA GLY B 34 -16.22 -6.00 13.76
C GLY B 34 -14.84 -5.42 13.94
N TYR B 35 -13.82 -6.25 13.76
CA TYR B 35 -12.44 -5.81 13.79
C TYR B 35 -12.19 -4.68 12.78
N LEU B 36 -12.59 -4.90 11.52
CA LEU B 36 -12.44 -3.91 10.46
C LEU B 36 -13.19 -2.60 10.74
N LYS B 37 -14.38 -2.71 11.33
CA LYS B 37 -15.11 -1.51 11.75
C LYS B 37 -14.32 -0.72 12.79
N SER B 38 -13.81 -1.41 13.82
CA SER B 38 -13.02 -0.77 14.86
C SER B 38 -11.73 -0.16 14.29
N MET B 39 -11.11 -0.88 13.36
CA MET B 39 -9.92 -0.40 12.67
C MET B 39 -10.21 0.89 11.90
N MET B 40 -11.28 0.88 11.10
CA MET B 40 -11.62 2.03 10.29
C MET B 40 -11.90 3.25 11.17
N ASP B 41 -12.72 3.04 12.20
CA ASP B 41 -13.10 4.13 13.12
C ASP B 41 -11.88 4.71 13.83
N THR B 42 -10.97 3.84 14.28
CA THR B 42 -9.80 4.28 15.05
C THR B 42 -8.80 5.03 14.17
N THR B 43 -8.63 4.56 12.94
CA THR B 43 -7.61 5.11 12.04
C THR B 43 -8.10 6.30 11.19
N CYS B 44 -9.41 6.37 10.93
CA CYS B 44 -9.99 7.38 10.03
C CYS B 44 -10.68 8.55 10.71
N LEU B 45 -11.02 8.38 11.99
CA LEU B 45 -11.75 9.40 12.74
C LEU B 45 -10.87 10.03 13.80
N GLY B 46 -11.27 11.20 14.29
CA GLY B 46 -10.57 11.84 15.40
C GLY B 46 -9.56 12.89 14.98
N GLY B 47 -9.32 13.02 13.68
CA GLY B 47 -8.46 14.08 13.14
C GLY B 47 -9.25 15.35 12.91
N LYS B 48 -8.63 16.33 12.25
CA LYS B 48 -9.30 17.62 12.00
C LYS B 48 -10.22 17.61 10.78
N TYR B 49 -10.04 16.60 9.92
CA TYR B 49 -10.75 16.48 8.63
C TYR B 49 -10.50 17.67 7.66
N ASN B 50 -9.37 18.35 7.82
CA ASN B 50 -9.03 19.48 6.93
C ASN B 50 -9.00 19.05 5.47
N ARG B 51 -8.44 17.87 5.21
CA ARG B 51 -8.30 17.38 3.83
C ARG B 51 -9.67 17.04 3.22
N GLY B 52 -10.46 16.27 3.95
CA GLY B 52 -11.75 15.80 3.47
C GLY B 52 -12.72 16.93 3.28
N LEU B 53 -12.82 17.80 4.29
CA LEU B 53 -13.72 18.93 4.24
C LEU B 53 -13.35 19.91 3.13
N CYS B 54 -12.05 20.02 2.84
CA CYS B 54 -11.58 20.88 1.74
C CYS B 54 -12.22 20.48 0.40
N VAL B 55 -12.26 19.17 0.12
CA VAL B 55 -12.90 18.68 -1.09
C VAL B 55 -14.34 19.22 -1.19
N VAL B 56 -15.08 19.14 -0.09
CA VAL B 56 -16.49 19.56 -0.13
C VAL B 56 -16.63 21.09 -0.28
N ASP B 57 -15.79 21.83 0.45
CA ASP B 57 -15.77 23.30 0.34
C ASP B 57 -15.48 23.76 -1.09
N VAL B 58 -14.44 23.20 -1.69
CA VAL B 58 -14.11 23.52 -3.08
C VAL B 58 -15.24 23.16 -4.02
N ALA B 59 -15.74 21.92 -3.92
CA ALA B 59 -16.80 21.45 -4.83
C ALA B 59 -18.05 22.34 -4.76
N GLU B 60 -18.48 22.66 -3.54
CA GLU B 60 -19.63 23.55 -3.36
C GLU B 60 -19.40 24.94 -3.96
N ALA B 61 -18.27 25.57 -3.61
CA ALA B 61 -17.88 26.86 -4.18
C ALA B 61 -18.01 26.85 -5.70
N MET B 62 -17.45 25.82 -6.32
CA MET B 62 -17.41 25.73 -7.78
C MET B 62 -18.78 25.38 -8.39
N ALA B 63 -19.54 24.52 -7.70
CA ALA B 63 -20.87 24.15 -8.16
C ALA B 63 -21.85 25.33 -8.10
N LYS B 64 -21.73 26.15 -7.07
CA LYS B 64 -22.55 27.37 -6.91
C LYS B 64 -22.27 28.37 -8.01
N ASP B 65 -21.01 28.41 -8.44
CA ASP B 65 -20.57 29.31 -9.51
C ASP B 65 -21.03 28.84 -10.89
N THR B 66 -21.51 27.61 -10.98
CA THR B 66 -22.17 27.08 -12.16
C THR B 66 -23.67 27.12 -11.91
N GLN B 67 -24.47 27.22 -12.95
CA GLN B 67 -25.93 27.14 -12.79
C GLN B 67 -26.40 25.69 -12.93
N MET B 68 -26.70 25.05 -11.80
CA MET B 68 -27.17 23.66 -11.81
C MET B 68 -28.37 23.45 -10.88
N ASP B 69 -29.20 22.48 -11.23
N ASP B 69 -29.22 22.50 -11.24
CA ASP B 69 -30.41 22.13 -10.49
CA ASP B 69 -30.42 22.22 -10.45
C ASP B 69 -30.10 21.53 -9.12
C ASP B 69 -30.10 21.55 -9.11
N ALA B 70 -31.09 21.55 -8.21
CA ALA B 70 -30.95 21.00 -6.87
C ALA B 70 -30.46 19.54 -6.81
N ALA B 71 -30.93 18.73 -7.76
CA ALA B 71 -30.49 17.33 -7.88
C ALA B 71 -28.99 17.23 -8.20
N ALA B 72 -28.54 18.03 -9.16
CA ALA B 72 -27.14 18.06 -9.56
C ALA B 72 -26.23 18.53 -8.41
N MET B 73 -26.65 19.59 -7.72
CA MET B 73 -25.91 20.11 -6.57
C MET B 73 -25.74 19.03 -5.49
N GLU B 74 -26.82 18.32 -5.18
CA GLU B 74 -26.82 17.21 -4.22
C GLU B 74 -25.82 16.14 -4.62
N ARG B 75 -25.77 15.82 -5.90
CA ARG B 75 -24.84 14.82 -6.42
C ARG B 75 -23.40 15.29 -6.22
N VAL B 76 -23.12 16.54 -6.60
CA VAL B 76 -21.77 17.09 -6.45
C VAL B 76 -21.32 17.01 -4.98
N LEU B 77 -22.18 17.42 -4.06
CA LEU B 77 -21.86 17.40 -2.64
C LEU B 77 -21.59 15.99 -2.10
N HIS B 78 -22.43 15.03 -2.49
CA HIS B 78 -22.24 13.64 -2.05
C HIS B 78 -20.92 13.09 -2.65
N ASP B 79 -20.70 13.30 -3.95
CA ASP B 79 -19.46 12.87 -4.59
C ASP B 79 -18.24 13.50 -3.92
N ALA B 80 -18.37 14.79 -3.56
CA ALA B 80 -17.30 15.53 -2.87
C ALA B 80 -16.97 14.89 -1.52
N CYS B 81 -18.01 14.50 -0.79
CA CYS B 81 -17.83 13.84 0.50
C CYS B 81 -17.11 12.50 0.34
N VAL B 82 -17.50 11.74 -0.68
CA VAL B 82 -16.82 10.47 -0.96
C VAL B 82 -15.34 10.72 -1.28
N CYS B 83 -15.06 11.69 -2.15
CA CYS B 83 -13.67 12.06 -2.46
C CYS B 83 -12.90 12.49 -1.22
N GLY B 84 -13.54 13.30 -0.39
CA GLY B 84 -12.97 13.69 0.91
C GLY B 84 -12.58 12.49 1.75
N TRP B 85 -13.46 11.50 1.81
CA TRP B 85 -13.18 10.28 2.57
C TRP B 85 -12.07 9.44 1.93
N MET B 86 -11.95 9.51 0.61
CA MET B 86 -10.81 8.90 -0.06
C MET B 86 -9.51 9.45 0.51
N ILE B 87 -9.44 10.77 0.64
CA ILE B 87 -8.22 11.41 1.14
C ILE B 87 -8.02 11.11 2.63
N GLU B 88 -9.12 11.11 3.39
CA GLU B 88 -9.03 10.79 4.81
C GLU B 88 -8.56 9.37 5.05
N MET B 89 -8.97 8.44 4.18
CA MET B 89 -8.53 7.06 4.27
C MET B 89 -7.07 6.89 3.80
N LEU B 90 -6.66 7.72 2.85
CA LEU B 90 -5.25 7.76 2.44
C LEU B 90 -4.38 8.27 3.59
N GLN B 91 -4.85 9.33 4.23
CA GLN B 91 -4.25 9.85 5.47
C GLN B 91 -4.16 8.76 6.53
N ALA B 92 -5.29 8.07 6.76
CA ALA B 92 -5.37 6.96 7.73
C ALA B 92 -4.30 5.90 7.44
N HIS B 93 -4.21 5.51 6.17
CA HIS B 93 -3.17 4.62 5.66
C HIS B 93 -1.76 5.11 5.98
N PHE B 94 -1.46 6.36 5.61
CA PHE B 94 -0.12 6.95 5.84
C PHE B 94 0.24 6.95 7.32
N LEU B 95 -0.73 7.30 8.16
CA LEU B 95 -0.46 7.42 9.61
C LEU B 95 -0.26 6.07 10.28
N VAL B 96 -1.07 5.09 9.90
CA VAL B 96 -0.89 3.70 10.40
C VAL B 96 0.55 3.25 10.11
N GLU B 97 0.97 3.41 8.86
CA GLU B 97 2.28 2.95 8.44
C GLU B 97 3.39 3.79 9.03
N ASP B 98 3.21 5.12 9.04
CA ASP B 98 4.23 6.00 9.62
C ASP B 98 4.42 5.77 11.13
N ASP B 99 3.32 5.56 11.85
CA ASP B 99 3.41 5.31 13.29
C ASP B 99 4.24 4.05 13.60
N ILE B 100 4.15 3.05 12.72
CA ILE B 100 4.98 1.86 12.80
C ILE B 100 6.45 2.22 12.54
N MET B 101 6.68 2.94 11.44
CA MET B 101 8.02 3.35 11.02
C MET B 101 8.74 4.20 12.06
N ASP B 102 7.99 5.12 12.67
CA ASP B 102 8.55 6.02 13.69
C ASP B 102 8.53 5.44 15.10
N HIS B 103 7.99 4.22 15.24
CA HIS B 103 7.81 3.53 16.52
CA HIS B 103 7.87 3.56 16.55
C HIS B 103 7.18 4.47 17.55
N SER B 104 6.10 5.14 17.14
CA SER B 104 5.44 6.15 17.96
C SER B 104 4.43 5.56 18.94
N LYS B 105 3.99 6.38 19.89
CA LYS B 105 3.14 5.92 21.00
C LYS B 105 1.68 6.32 20.89
N THR B 106 1.43 7.58 20.51
CA THR B 106 0.07 8.11 20.47
C THR B 106 -0.28 8.82 19.17
N ARG B 107 -1.56 8.79 18.84
CA ARG B 107 -2.08 9.37 17.61
C ARG B 107 -3.52 9.79 17.89
N ARG B 108 -3.83 11.07 17.64
CA ARG B 108 -5.15 11.64 17.92
C ARG B 108 -5.66 11.30 19.34
N GLY B 109 -4.75 11.37 20.31
CA GLY B 109 -5.10 11.20 21.73
C GLY B 109 -5.34 9.77 22.22
N LYS B 110 -5.01 8.79 21.37
CA LYS B 110 -5.16 7.37 21.71
C LYS B 110 -3.86 6.63 21.35
N PRO B 111 -3.68 5.39 21.83
CA PRO B 111 -2.50 4.64 21.38
C PRO B 111 -2.49 4.50 19.85
N CYS B 112 -1.30 4.46 19.27
CA CYS B 112 -1.17 4.21 17.84
C CYS B 112 -1.81 2.87 17.51
N TRP B 113 -2.32 2.74 16.29
CA TRP B 113 -3.02 1.50 15.91
C TRP B 113 -2.20 0.23 16.18
N TYR B 114 -0.96 0.21 15.72
CA TYR B 114 -0.12 -0.98 15.89
C TYR B 114 0.15 -1.30 17.37
N LEU B 115 0.06 -0.27 18.22
CA LEU B 115 0.32 -0.42 19.64
C LEU B 115 -0.89 -0.91 20.45
N HIS B 116 -2.06 -0.97 19.80
CA HIS B 116 -3.21 -1.63 20.40
C HIS B 116 -2.78 -3.09 20.62
N PRO B 117 -3.03 -3.63 21.83
CA PRO B 117 -2.47 -4.93 22.22
C PRO B 117 -2.92 -6.10 21.33
N GLY B 118 -4.15 -6.02 20.82
CA GLY B 118 -4.70 -7.05 19.93
C GLY B 118 -4.37 -6.88 18.46
N VAL B 119 -3.47 -5.95 18.15
CA VAL B 119 -3.08 -5.67 16.76
C VAL B 119 -1.61 -6.07 16.52
N THR B 120 -0.68 -5.22 16.97
CA THR B 120 0.79 -5.35 16.77
C THR B 120 1.19 -4.90 15.37
N ALA B 121 2.48 -4.56 15.21
CA ALA B 121 3.00 -4.07 13.93
C ALA B 121 2.78 -5.07 12.79
N GLN B 122 2.95 -6.37 13.08
CA GLN B 122 2.86 -7.40 12.05
C GLN B 122 1.44 -7.65 11.51
N VAL B 123 0.43 -7.09 12.18
CA VAL B 123 -0.94 -7.09 11.65
C VAL B 123 -1.29 -5.71 11.10
N ALA B 124 -0.87 -4.67 11.81
CA ALA B 124 -1.14 -3.27 11.44
C ALA B 124 -0.59 -2.89 10.07
N ILE B 125 0.54 -3.47 9.67
CA ILE B 125 1.08 -3.20 8.33
C ILE B 125 0.00 -3.51 7.29
N ASN B 126 -0.58 -4.70 7.40
CA ASN B 126 -1.66 -5.08 6.51
C ASN B 126 -2.94 -4.26 6.68
N ASP B 127 -3.30 -3.94 7.91
CA ASP B 127 -4.43 -3.02 8.15
C ASP B 127 -4.25 -1.71 7.37
N GLY B 128 -3.04 -1.17 7.33
CA GLY B 128 -2.76 0.03 6.51
C GLY B 128 -3.00 -0.20 5.02
N LEU B 129 -2.70 -1.41 4.56
CA LEU B 129 -2.87 -1.76 3.14
C LEU B 129 -4.37 -1.84 2.79
N ILE B 130 -5.15 -2.41 3.70
CA ILE B 130 -6.60 -2.44 3.56
C ILE B 130 -7.18 -1.02 3.42
N LEU B 131 -6.71 -0.10 4.27
CA LEU B 131 -7.14 1.30 4.22
C LEU B 131 -6.87 1.91 2.85
N LEU B 132 -5.65 1.70 2.34
CA LEU B 132 -5.29 2.24 1.02
C LEU B 132 -6.20 1.67 -0.07
N ALA B 133 -6.43 0.35 -0.02
CA ALA B 133 -7.26 -0.34 -1.00
C ALA B 133 -8.70 0.20 -0.95
N TRP B 134 -9.22 0.37 0.27
CA TRP B 134 -10.57 0.91 0.44
C TRP B 134 -10.77 2.27 -0.22
N ALA B 135 -9.75 3.13 -0.15
CA ALA B 135 -9.83 4.46 -0.77
C ALA B 135 -10.16 4.37 -2.26
N THR B 136 -9.44 3.50 -2.97
CA THR B 136 -9.73 3.27 -4.39
C THR B 136 -11.10 2.60 -4.60
N GLN B 137 -11.45 1.68 -3.71
CA GLN B 137 -12.77 1.04 -3.74
C GLN B 137 -13.92 2.05 -3.76
N MET B 138 -13.80 3.09 -2.96
CA MET B 138 -14.81 4.14 -2.92
C MET B 138 -15.01 4.82 -4.29
N ALA B 139 -13.89 5.14 -4.95
CA ALA B 139 -13.97 5.72 -6.29
C ALA B 139 -14.62 4.75 -7.28
N LEU B 140 -14.14 3.50 -7.29
CA LEU B 140 -14.61 2.48 -8.22
C LEU B 140 -16.11 2.21 -8.09
N HIS B 141 -16.62 2.27 -6.86
CA HIS B 141 -18.04 2.06 -6.61
C HIS B 141 -18.87 3.33 -6.84
N TYR B 142 -18.58 4.39 -6.08
CA TYR B 142 -19.39 5.59 -6.13
C TYR B 142 -19.30 6.35 -7.46
N PHE B 143 -18.14 6.28 -8.10
CA PHE B 143 -17.92 7.03 -9.35
C PHE B 143 -17.88 6.15 -10.60
N ALA B 144 -18.44 4.94 -10.49
CA ALA B 144 -18.45 3.97 -11.59
C ALA B 144 -18.96 4.55 -12.91
N ASP B 145 -19.91 5.48 -12.84
CA ASP B 145 -20.47 6.09 -14.05
C ASP B 145 -20.20 7.60 -14.19
N ARG B 146 -19.23 8.10 -13.42
CA ARG B 146 -18.91 9.54 -13.44
C ARG B 146 -17.81 9.83 -14.44
N PRO B 147 -17.89 11.00 -15.13
CA PRO B 147 -16.84 11.31 -16.10
C PRO B 147 -15.47 11.47 -15.46
N PHE B 148 -15.42 11.84 -14.19
CA PHE B 148 -14.14 12.12 -13.52
C PHE B 148 -13.42 10.93 -12.88
N LEU B 149 -13.99 9.73 -12.97
CA LEU B 149 -13.38 8.54 -12.34
C LEU B 149 -11.91 8.38 -12.73
N ALA B 150 -11.64 8.38 -14.03
CA ALA B 150 -10.27 8.19 -14.53
C ALA B 150 -9.30 9.23 -13.96
N GLU B 151 -9.70 10.51 -13.99
CA GLU B 151 -8.83 11.57 -13.49
C GLU B 151 -8.66 11.54 -11.97
N VAL B 152 -9.73 11.18 -11.27
CA VAL B 152 -9.66 10.96 -9.81
C VAL B 152 -8.64 9.87 -9.49
N LEU B 153 -8.71 8.74 -10.19
CA LEU B 153 -7.77 7.65 -9.96
C LEU B 153 -6.33 8.08 -10.25
N ARG B 154 -6.16 8.79 -11.36
CA ARG B 154 -4.83 9.27 -11.78
C ARG B 154 -4.19 10.21 -10.74
N VAL B 155 -4.91 11.24 -10.32
CA VAL B 155 -4.38 12.19 -9.34
C VAL B 155 -4.16 11.54 -7.97
N PHE B 156 -5.09 10.66 -7.56
CA PHE B 156 -4.99 9.99 -6.26
C PHE B 156 -3.73 9.14 -6.23
N HIS B 157 -3.53 8.33 -7.27
CA HIS B 157 -2.38 7.44 -7.31
C HIS B 157 -1.05 8.13 -7.59
N ASP B 158 -1.08 9.22 -8.36
CA ASP B 158 0.10 10.08 -8.50
C ASP B 158 0.52 10.63 -7.15
N VAL B 159 -0.45 11.09 -6.34
CA VAL B 159 -0.14 11.66 -5.04
C VAL B 159 0.32 10.59 -4.05
N ASP B 160 -0.26 9.39 -4.17
CA ASP B 160 0.22 8.26 -3.37
C ASP B 160 1.72 7.99 -3.62
N LEU B 161 2.11 7.90 -4.89
CA LEU B 161 3.51 7.75 -5.25
C LEU B 161 4.35 8.89 -4.67
N THR B 162 3.90 10.12 -4.93
CA THR B 162 4.61 11.33 -4.46
C THR B 162 4.92 11.23 -2.98
N THR B 163 3.93 10.86 -2.19
CA THR B 163 4.07 10.79 -0.74
C THR B 163 5.06 9.70 -0.29
N THR B 164 4.99 8.53 -0.93
CA THR B 164 5.96 7.46 -0.64
C THR B 164 7.40 7.89 -0.95
N ILE B 165 7.59 8.72 -1.98
CA ILE B 165 8.92 9.25 -2.31
C ILE B 165 9.37 10.28 -1.26
N GLY B 166 8.46 11.18 -0.89
CA GLY B 166 8.70 12.08 0.24
C GLY B 166 9.10 11.32 1.50
N GLN B 167 8.38 10.22 1.76
CA GLN B 167 8.67 9.39 2.92
C GLN B 167 10.06 8.75 2.82
N LEU B 168 10.43 8.31 1.62
CA LEU B 168 11.80 7.85 1.36
C LEU B 168 12.83 8.89 1.78
N TYR B 169 12.64 10.14 1.32
CA TYR B 169 13.53 11.25 1.69
C TYR B 169 13.57 11.44 3.21
N ASP B 170 12.40 11.34 3.84
CA ASP B 170 12.31 11.51 5.28
C ASP B 170 13.08 10.43 6.03
N VAL B 171 12.83 9.16 5.69
CA VAL B 171 13.38 8.05 6.47
C VAL B 171 14.88 7.88 6.27
N THR B 172 15.38 8.45 5.18
CA THR B 172 16.82 8.38 4.86
C THR B 172 17.58 9.69 5.07
N SER B 173 16.93 10.68 5.67
CA SER B 173 17.49 12.03 5.86
C SER B 173 18.56 12.13 6.95
N MET B 174 18.61 11.11 7.81
CA MET B 174 19.54 11.06 8.96
C MET B 174 20.86 10.37 8.65
N VAL B 175 20.95 9.73 7.48
CA VAL B 175 22.17 9.08 7.06
C VAL B 175 22.74 9.84 5.86
N ASP B 176 24.04 10.02 5.84
CA ASP B 176 24.70 10.73 4.73
C ASP B 176 24.40 9.99 3.43
N SER B 177 23.89 10.72 2.43
CA SER B 177 23.31 10.08 1.25
C SER B 177 24.30 9.23 0.45
N ALA B 178 25.57 9.64 0.45
CA ALA B 178 26.63 8.87 -0.21
C ALA B 178 26.85 7.50 0.45
N LYS B 179 26.41 7.38 1.70
CA LYS B 179 26.56 6.14 2.46
C LYS B 179 25.35 5.20 2.31
N LEU B 180 24.28 5.69 1.71
CA LEU B 180 23.06 4.90 1.52
C LEU B 180 23.37 3.71 0.63
N ASP B 181 23.28 2.52 1.21
CA ASP B 181 23.64 1.27 0.53
C ASP B 181 22.89 0.15 1.24
N ALA B 182 22.03 -0.54 0.48
CA ALA B 182 21.20 -1.60 1.08
C ALA B 182 22.02 -2.69 1.77
N LYS B 183 23.19 -2.99 1.21
CA LYS B 183 24.07 -4.05 1.70
C LYS B 183 24.79 -3.71 3.01
N VAL B 184 24.98 -2.42 3.27
CA VAL B 184 25.85 -1.99 4.37
C VAL B 184 25.07 -1.17 5.38
N ALA B 185 25.11 -1.60 6.64
CA ALA B 185 24.58 -0.80 7.72
C ALA B 185 25.47 0.42 7.90
N HIS B 186 24.85 1.57 8.15
CA HIS B 186 25.58 2.79 8.43
C HIS B 186 24.97 3.55 9.60
N ALA B 187 25.84 4.15 10.40
CA ALA B 187 25.40 5.01 11.50
C ALA B 187 24.76 6.27 10.94
N ASN B 188 23.90 6.90 11.75
CA ASN B 188 23.35 8.21 11.42
C ASN B 188 24.49 9.22 11.29
N THR B 189 24.21 10.33 10.60
CA THR B 189 25.21 11.38 10.41
C THR B 189 25.74 11.90 11.75
N THR B 190 27.00 12.33 11.74
CA THR B 190 27.60 13.01 12.89
C THR B 190 27.87 14.49 12.59
N ASP B 191 27.92 14.84 11.31
CA ASP B 191 28.23 16.21 10.88
C ASP B 191 27.03 17.02 10.36
N TYR B 192 25.94 16.33 10.00
CA TYR B 192 24.69 16.99 9.59
C TYR B 192 24.81 17.91 8.38
N VAL B 193 25.76 17.60 7.49
CA VAL B 193 26.03 18.48 6.35
C VAL B 193 24.83 18.59 5.40
N GLU B 194 24.03 17.54 5.31
CA GLU B 194 22.87 17.52 4.42
C GLU B 194 21.59 18.09 5.05
N TYR B 195 21.69 18.67 6.25
CA TYR B 195 20.52 19.26 6.92
C TYR B 195 20.37 20.69 6.44
N THR B 196 19.97 20.83 5.17
CA THR B 196 19.96 22.11 4.48
C THR B 196 18.53 22.55 4.22
N PRO B 197 18.30 23.87 4.02
CA PRO B 197 16.96 24.34 3.64
C PRO B 197 16.39 23.63 2.41
N PHE B 198 17.22 23.38 1.40
CA PHE B 198 16.78 22.66 0.20
C PHE B 198 16.27 21.24 0.52
N ASN B 199 17.03 20.53 1.36
CA ASN B 199 16.68 19.15 1.69
C ASN B 199 15.44 19.05 2.57
N HIS B 200 15.28 20.02 3.47
CA HIS B 200 14.05 20.08 4.26
C HIS B 200 12.83 20.33 3.36
N ARG B 201 12.94 21.34 2.48
CA ARG B 201 11.86 21.67 1.55
C ARG B 201 11.49 20.44 0.73
N ARG B 202 12.50 19.73 0.23
CA ARG B 202 12.26 18.54 -0.58
C ARG B 202 11.47 17.49 0.20
N ILE B 203 11.85 17.25 1.45
CA ILE B 203 11.10 16.29 2.27
C ILE B 203 9.65 16.72 2.42
N VAL B 204 9.44 17.95 2.89
CA VAL B 204 8.09 18.37 3.29
C VAL B 204 7.14 18.57 2.11
N VAL B 205 7.66 19.07 1.00
CA VAL B 205 6.85 19.25 -0.21
C VAL B 205 6.25 17.91 -0.69
N TYR B 206 7.08 16.88 -0.77
CA TYR B 206 6.62 15.60 -1.30
C TYR B 206 5.91 14.73 -0.26
N LYS B 207 6.37 14.73 0.99
CA LYS B 207 5.72 13.90 2.02
C LYS B 207 4.40 14.48 2.53
N THR B 208 4.20 15.78 2.36
CA THR B 208 3.04 16.45 2.97
C THR B 208 2.22 17.33 2.02
N ALA B 209 2.89 18.22 1.29
CA ALA B 209 2.19 19.24 0.52
C ALA B 209 1.26 18.65 -0.55
N TYR B 210 1.71 17.61 -1.24
CA TYR B 210 0.90 17.06 -2.34
C TYR B 210 -0.41 16.46 -1.84
N TYR B 211 -0.37 15.67 -0.77
CA TYR B 211 -1.59 15.01 -0.32
C TYR B 211 -2.46 15.86 0.61
N THR B 212 -1.84 16.87 1.23
CA THR B 212 -2.57 17.64 2.23
C THR B 212 -3.19 18.90 1.64
N TYR B 213 -2.52 19.49 0.65
CA TYR B 213 -2.98 20.73 0.02
C TYR B 213 -3.39 20.59 -1.45
N TRP B 214 -2.53 19.99 -2.27
CA TRP B 214 -2.82 19.88 -3.71
C TRP B 214 -3.98 18.93 -4.00
N LEU B 215 -3.93 17.73 -3.44
CA LEU B 215 -4.93 16.70 -3.71
C LEU B 215 -6.38 17.11 -3.35
N PRO B 216 -6.60 17.68 -2.14
CA PRO B 216 -7.97 18.10 -1.82
C PRO B 216 -8.53 19.16 -2.78
N LEU B 217 -7.69 20.13 -3.14
CA LEU B 217 -8.10 21.20 -4.06
C LEU B 217 -8.48 20.60 -5.42
N VAL B 218 -7.60 19.76 -5.96
CA VAL B 218 -7.82 19.14 -7.26
C VAL B 218 -9.05 18.22 -7.27
N MET B 219 -9.24 17.42 -6.22
CA MET B 219 -10.42 16.56 -6.13
CA MET B 219 -10.42 16.55 -6.18
C MET B 219 -11.71 17.37 -6.13
N GLY B 220 -11.71 18.49 -5.42
CA GLY B 220 -12.89 19.38 -5.39
C GLY B 220 -13.23 19.90 -6.77
N LEU B 221 -12.19 20.26 -7.53
CA LEU B 221 -12.35 20.71 -8.90
C LEU B 221 -12.86 19.58 -9.81
N LEU B 222 -12.29 18.39 -9.65
CA LEU B 222 -12.68 17.24 -10.48
C LEU B 222 -14.14 16.82 -10.28
N VAL B 223 -14.57 16.66 -9.04
CA VAL B 223 -15.96 16.22 -8.79
C VAL B 223 -17.00 17.27 -9.19
N SER B 224 -16.60 18.54 -9.21
CA SER B 224 -17.52 19.62 -9.63
C SER B 224 -17.40 19.93 -11.13
N GLY B 225 -16.50 19.24 -11.81
CA GLY B 225 -16.29 19.40 -13.26
C GLY B 225 -15.70 20.75 -13.65
N THR B 226 -14.83 21.30 -12.82
CA THR B 226 -14.33 22.66 -13.02
C THR B 226 -12.81 22.79 -13.05
N LEU B 227 -12.10 21.69 -13.22
CA LEU B 227 -10.63 21.73 -13.20
C LEU B 227 -10.06 22.68 -14.26
N GLU B 228 -10.68 22.70 -15.43
CA GLU B 228 -10.22 23.55 -16.52
C GLU B 228 -10.51 25.04 -16.36
N LYS B 229 -11.29 25.40 -15.34
CA LYS B 229 -11.63 26.80 -15.08
C LYS B 229 -10.64 27.51 -14.17
N VAL B 230 -9.61 26.78 -13.72
CA VAL B 230 -8.59 27.35 -12.84
C VAL B 230 -7.18 27.20 -13.42
N ASP B 231 -6.29 28.09 -12.98
CA ASP B 231 -4.90 28.11 -13.39
C ASP B 231 -4.16 26.97 -12.66
N LYS B 232 -3.83 25.92 -13.41
CA LYS B 232 -3.19 24.70 -12.88
C LYS B 232 -1.85 24.99 -12.19
N LYS B 233 -0.99 25.73 -12.89
CA LYS B 233 0.31 26.15 -12.37
C LYS B 233 0.20 26.96 -11.07
N ALA B 234 -0.72 27.92 -11.06
CA ALA B 234 -0.91 28.77 -9.87
C ALA B 234 -1.50 27.98 -8.69
N THR B 235 -2.40 27.07 -9.00
CA THR B 235 -2.98 26.19 -7.97
C THR B 235 -1.88 25.33 -7.35
N HIS B 236 -1.03 24.72 -8.19
CA HIS B 236 0.10 23.93 -7.69
C HIS B 236 0.99 24.78 -6.78
N LYS B 237 1.34 25.98 -7.22
CA LYS B 237 2.25 26.85 -6.46
C LYS B 237 1.73 27.18 -5.07
N VAL B 238 0.47 27.60 -4.98
CA VAL B 238 -0.11 27.97 -3.68
C VAL B 238 -0.23 26.74 -2.76
N ALA B 239 -0.54 25.58 -3.34
CA ALA B 239 -0.58 24.31 -2.59
C ALA B 239 0.79 23.99 -2.00
N MET B 240 1.85 24.20 -2.78
CA MET B 240 3.21 23.93 -2.28
C MET B 240 3.61 24.87 -1.14
N VAL B 241 3.29 26.16 -1.29
CA VAL B 241 3.65 27.14 -0.27
C VAL B 241 2.93 26.86 1.07
N MET B 242 1.61 26.65 1.00
CA MET B 242 0.79 26.34 2.19
C MET B 242 1.19 25.02 2.83
N GLY B 243 1.44 24.01 1.99
CA GLY B 243 1.85 22.68 2.45
C GLY B 243 3.18 22.67 3.16
N GLU B 244 4.17 23.35 2.58
CA GLU B 244 5.47 23.55 3.23
C GLU B 244 5.25 24.17 4.61
N TYR B 245 4.53 25.30 4.65
CA TYR B 245 4.21 25.99 5.90
C TYR B 245 3.50 25.07 6.91
N PHE B 246 2.52 24.30 6.43
CA PHE B 246 1.81 23.35 7.28
C PHE B 246 2.78 22.36 7.94
N GLN B 247 3.74 21.84 7.18
CA GLN B 247 4.69 20.89 7.75
C GLN B 247 5.70 21.55 8.68
N VAL B 248 6.11 22.77 8.34
CA VAL B 248 6.94 23.56 9.26
C VAL B 248 6.23 23.75 10.62
N GLN B 249 4.94 24.10 10.58
CA GLN B 249 4.13 24.19 11.81
C GLN B 249 4.21 22.88 12.57
N ASP B 250 3.99 21.78 11.85
CA ASP B 250 4.02 20.44 12.45
C ASP B 250 5.38 20.19 13.13
N ASP B 251 6.47 20.55 12.44
CA ASP B 251 7.83 20.41 12.98
C ASP B 251 8.01 21.23 14.25
N VAL B 252 7.59 22.49 14.21
CA VAL B 252 7.70 23.39 15.37
C VAL B 252 6.94 22.81 16.57
N MET B 253 5.71 22.37 16.34
CA MET B 253 4.86 21.82 17.40
C MET B 253 5.39 20.53 18.03
N ASP B 254 6.15 19.74 17.27
CA ASP B 254 6.79 18.52 17.78
C ASP B 254 7.57 18.84 19.04
N CYS B 255 8.29 19.95 19.00
CA CYS B 255 9.14 20.36 20.11
C CYS B 255 8.37 21.16 21.16
N PHE B 256 7.56 22.12 20.70
CA PHE B 256 7.09 23.20 21.57
C PHE B 256 5.61 23.17 21.99
N THR B 257 4.81 22.28 21.40
CA THR B 257 3.42 22.12 21.82
C THR B 257 3.32 20.90 22.73
N PRO B 258 2.70 21.06 23.92
CA PRO B 258 2.44 19.90 24.78
C PRO B 258 1.74 18.76 24.02
N PRO B 259 2.23 17.52 24.18
CA PRO B 259 1.66 16.35 23.50
C PRO B 259 0.16 16.16 23.76
N GLU B 260 -0.31 16.60 24.93
CA GLU B 260 -1.73 16.44 25.26
C GLU B 260 -2.61 17.34 24.42
N LYS B 261 -2.10 18.54 24.08
CA LYS B 261 -2.81 19.45 23.20
C LYS B 261 -2.71 18.97 21.75
N LEU B 262 -1.50 18.55 21.38
CA LEU B 262 -1.23 18.09 20.02
C LEU B 262 -1.93 16.77 19.66
N GLY B 263 -2.03 15.86 20.63
CA GLY B 263 -2.66 14.55 20.44
C GLY B 263 -1.69 13.44 20.04
N LYS B 264 -0.41 13.76 20.01
CA LYS B 264 0.65 12.83 19.62
C LYS B 264 1.96 13.20 20.33
N ILE B 265 2.84 12.22 20.48
CA ILE B 265 4.17 12.42 21.07
C ILE B 265 5.22 12.31 19.98
N GLY B 266 5.74 13.46 19.54
CA GLY B 266 6.74 13.51 18.49
C GLY B 266 8.11 13.13 19.05
N THR B 267 8.94 12.53 18.20
CA THR B 267 10.29 12.17 18.61
C THR B 267 11.33 12.65 17.61
N ASP B 268 11.07 13.79 16.97
CA ASP B 268 12.00 14.33 15.97
C ASP B 268 13.42 14.46 16.52
N ILE B 269 13.54 14.97 17.74
CA ILE B 269 14.86 15.20 18.34
C ILE B 269 15.59 13.88 18.61
N GLU B 270 14.87 12.95 19.23
CA GLU B 270 15.40 11.61 19.55
CA GLU B 270 15.41 11.62 19.54
C GLU B 270 15.84 10.87 18.29
N ASP B 271 15.08 11.04 17.20
CA ASP B 271 15.30 10.30 15.97
C ASP B 271 16.14 11.04 14.93
N ALA B 272 16.73 12.16 15.33
CA ALA B 272 17.63 12.96 14.48
C ALA B 272 16.98 13.41 13.17
N LYS B 273 15.71 13.78 13.24
CA LYS B 273 14.96 14.18 12.05
C LYS B 273 15.45 15.50 11.46
N CYS B 274 15.39 15.60 10.14
CA CYS B 274 15.72 16.82 9.43
C CYS B 274 14.49 17.74 9.47
N SER B 275 14.19 18.21 10.67
CA SER B 275 13.03 19.08 10.89
C SER B 275 13.38 20.53 10.60
N TRP B 276 12.36 21.38 10.49
CA TRP B 276 12.59 22.80 10.25
C TRP B 276 13.41 23.42 11.40
N LEU B 277 13.13 22.98 12.62
CA LEU B 277 13.89 23.46 13.79
C LEU B 277 15.37 23.11 13.70
N ALA B 278 15.67 21.88 13.31
CA ALA B 278 17.05 21.43 13.17
C ALA B 278 17.81 22.20 12.10
N VAL B 279 17.20 22.34 10.92
CA VAL B 279 17.81 23.08 9.82
C VAL B 279 17.99 24.56 10.17
N THR B 280 16.96 25.16 10.76
CA THR B 280 17.02 26.57 11.10
C THR B 280 18.12 26.81 12.14
N PHE B 281 18.18 25.93 13.16
CA PHE B 281 19.22 26.03 14.19
C PHE B 281 20.62 25.90 13.59
N LEU B 282 20.85 24.82 12.84
CA LEU B 282 22.17 24.52 12.27
C LEU B 282 22.71 25.61 11.33
N THR B 283 21.81 26.27 10.60
CA THR B 283 22.18 27.34 9.67
C THR B 283 22.28 28.74 10.29
N THR B 284 21.84 28.91 11.54
CA THR B 284 21.84 30.23 12.19
C THR B 284 22.58 30.33 13.53
N ALA B 285 22.80 29.20 14.19
CA ALA B 285 23.42 29.22 15.52
C ALA B 285 24.93 29.46 15.45
N PRO B 286 25.51 30.05 16.52
CA PRO B 286 26.98 30.16 16.56
C PRO B 286 27.65 28.78 16.62
N ALA B 287 28.90 28.74 16.18
CA ALA B 287 29.63 27.49 15.96
C ALA B 287 29.68 26.54 17.15
N GLU B 288 29.85 27.07 18.36
CA GLU B 288 29.97 26.24 19.55
C GLU B 288 28.62 25.63 19.95
N LYS B 289 27.55 26.34 19.61
CA LYS B 289 26.20 25.86 19.86
C LYS B 289 25.80 24.79 18.84
N VAL B 290 26.29 24.95 17.61
CA VAL B 290 26.15 23.92 16.58
C VAL B 290 26.87 22.64 17.04
N ALA B 291 28.10 22.79 17.53
CA ALA B 291 28.85 21.66 18.07
C ALA B 291 28.07 20.95 19.19
N GLU B 292 27.53 21.73 20.12
CA GLU B 292 26.77 21.16 21.24
C GLU B 292 25.49 20.46 20.76
N PHE B 293 24.88 21.02 19.73
CA PHE B 293 23.72 20.40 19.10
C PHE B 293 24.08 19.01 18.57
N LYS B 294 25.18 18.93 17.82
CA LYS B 294 25.63 17.66 17.25
C LYS B 294 25.93 16.61 18.32
N ALA B 295 26.47 17.06 19.45
CA ALA B 295 26.76 16.16 20.56
C ALA B 295 25.51 15.57 21.21
N ASN B 296 24.39 16.29 21.15
CA ASN B 296 23.20 15.91 21.91
C ASN B 296 21.99 15.43 21.08
N TYR B 297 22.01 15.71 19.78
CA TYR B 297 20.89 15.39 18.89
C TYR B 297 20.84 13.90 18.55
N GLY B 298 19.63 13.38 18.34
CA GLY B 298 19.47 11.98 17.95
C GLY B 298 19.69 10.99 19.09
N SER B 299 19.54 11.47 20.32
CA SER B 299 19.70 10.63 21.50
C SER B 299 18.39 10.54 22.27
N THR B 300 18.06 9.34 22.70
CA THR B 300 16.83 9.09 23.46
C THR B 300 16.94 9.48 24.94
N ASP B 301 18.16 9.82 25.37
CA ASP B 301 18.40 10.27 26.75
C ASP B 301 17.67 11.58 27.03
N PRO B 302 16.75 11.59 28.03
CA PRO B 302 15.95 12.77 28.37
C PRO B 302 16.77 14.04 28.56
N ALA B 303 17.95 13.91 29.16
CA ALA B 303 18.84 15.04 29.40
C ALA B 303 19.37 15.65 28.10
N ALA B 304 19.67 14.78 27.13
CA ALA B 304 20.18 15.23 25.82
C ALA B 304 19.09 15.96 25.03
N VAL B 305 17.88 15.39 25.06
CA VAL B 305 16.70 16.03 24.46
C VAL B 305 16.43 17.39 25.10
N ALA B 306 16.51 17.45 26.43
CA ALA B 306 16.33 18.71 27.16
C ALA B 306 17.38 19.76 26.77
N VAL B 307 18.62 19.33 26.55
CA VAL B 307 19.69 20.23 26.07
C VAL B 307 19.30 20.84 24.72
N ILE B 308 18.80 20.01 23.80
CA ILE B 308 18.40 20.47 22.47
C ILE B 308 17.27 21.50 22.54
N LYS B 309 16.24 21.19 23.33
CA LYS B 309 15.10 22.10 23.50
C LYS B 309 15.54 23.45 24.06
N GLN B 310 16.42 23.43 25.05
CA GLN B 310 17.00 24.65 25.60
C GLN B 310 17.84 25.43 24.57
N LEU B 311 18.63 24.71 23.79
CA LEU B 311 19.39 25.32 22.70
C LEU B 311 18.48 26.00 21.68
N TYR B 312 17.37 25.34 21.33
CA TYR B 312 16.37 25.92 20.42
C TYR B 312 15.78 27.21 20.99
N THR B 313 15.43 27.18 22.27
CA THR B 313 14.87 28.34 22.94
C THR B 313 15.88 29.49 22.94
N GLU B 314 17.12 29.18 23.30
CA GLU B 314 18.17 30.21 23.33
C GLU B 314 18.46 30.81 21.95
N GLN B 315 18.23 30.02 20.89
CA GLN B 315 18.39 30.49 19.51
C GLN B 315 17.14 31.20 18.97
N ASN B 316 16.14 31.36 19.84
CA ASN B 316 14.88 32.05 19.52
C ASN B 316 14.14 31.45 18.33
N LEU B 317 14.09 30.11 18.25
CA LEU B 317 13.49 29.45 17.09
C LEU B 317 12.01 29.77 16.92
N LEU B 318 11.29 29.91 18.03
CA LEU B 318 9.87 30.32 17.95
C LEU B 318 9.73 31.69 17.25
N ALA B 319 10.57 32.66 17.66
CA ALA B 319 10.57 33.97 17.03
C ALA B 319 10.96 33.89 15.56
N ARG B 320 11.91 33.02 15.24
CA ARG B 320 12.33 32.80 13.86
C ARG B 320 11.20 32.20 13.02
N PHE B 321 10.37 31.36 13.65
CA PHE B 321 9.19 30.82 12.98
C PHE B 321 8.20 31.94 12.67
N GLU B 322 7.98 32.83 13.63
CA GLU B 322 7.05 33.94 13.42
C GLU B 322 7.44 34.82 12.23
N GLU B 323 8.74 35.02 12.05
CA GLU B 323 9.24 35.77 10.89
C GLU B 323 8.99 35.01 9.59
N TYR B 324 9.28 33.71 9.60
CA TYR B 324 8.97 32.84 8.47
C TYR B 324 7.49 32.90 8.12
N GLU B 325 6.64 32.82 9.14
CA GLU B 325 5.19 32.87 8.98
C GLU B 325 4.71 34.18 8.36
N LYS B 326 5.30 35.28 8.77
CA LYS B 326 5.01 36.59 8.16
C LYS B 326 5.34 36.57 6.66
N ALA B 327 6.49 36.00 6.31
CA ALA B 327 6.87 35.86 4.90
C ALA B 327 5.89 34.98 4.12
N VAL B 328 5.46 33.89 4.75
CA VAL B 328 4.51 32.95 4.12
C VAL B 328 3.17 33.66 3.87
N VAL B 329 2.64 34.32 4.92
CA VAL B 329 1.40 35.10 4.80
C VAL B 329 1.43 36.05 3.60
N ALA B 330 2.50 36.84 3.51
CA ALA B 330 2.69 37.76 2.41
C ALA B 330 2.60 37.06 1.04
N GLU B 331 3.33 35.95 0.89
CA GLU B 331 3.32 35.20 -0.37
C GLU B 331 1.94 34.62 -0.70
N VAL B 332 1.36 33.91 0.27
CA VAL B 332 0.03 33.30 0.11
C VAL B 332 -1.03 34.32 -0.30
N GLU B 333 -1.08 35.45 0.39
CA GLU B 333 -2.07 36.48 0.09
C GLU B 333 -1.91 37.02 -1.33
N GLN B 334 -0.66 37.17 -1.77
CA GLN B 334 -0.35 37.56 -3.14
C GLN B 334 -0.84 36.51 -4.16
N LEU B 335 -0.53 35.24 -3.90
CA LEU B 335 -0.96 34.14 -4.76
C LEU B 335 -2.49 34.02 -4.82
N ILE B 336 -3.13 34.19 -3.67
CA ILE B 336 -4.59 34.17 -3.60
C ILE B 336 -5.19 35.36 -4.38
N ALA B 337 -4.59 36.53 -4.23
CA ALA B 337 -5.05 37.72 -4.96
C ALA B 337 -5.01 37.48 -6.48
N ALA B 338 -3.93 36.86 -6.95
CA ALA B 338 -3.79 36.53 -8.36
C ALA B 338 -4.84 35.51 -8.81
N LEU B 339 -5.07 34.49 -7.98
CA LEU B 339 -6.11 33.51 -8.22
C LEU B 339 -7.50 34.16 -8.26
N GLU B 340 -7.74 35.09 -7.34
CA GLU B 340 -9.02 35.79 -7.26
C GLU B 340 -9.33 36.57 -8.52
N ALA B 341 -8.28 37.13 -9.13
CA ALA B 341 -8.41 37.88 -10.39
C ALA B 341 -8.83 37.00 -11.57
N GLN B 342 -8.62 35.68 -11.44
CA GLN B 342 -8.91 34.70 -12.49
C GLN B 342 -10.22 33.93 -12.26
N ASN B 343 -10.39 33.42 -11.04
CA ASN B 343 -11.58 32.67 -10.62
C ASN B 343 -11.85 32.93 -9.14
N ALA B 344 -12.79 33.84 -8.86
CA ALA B 344 -13.04 34.28 -7.50
C ALA B 344 -13.65 33.19 -6.62
N ALA B 345 -14.47 32.33 -7.22
CA ALA B 345 -15.09 31.22 -6.52
C ALA B 345 -14.01 30.28 -6.00
N PHE B 346 -13.08 29.91 -6.88
CA PHE B 346 -11.99 29.02 -6.45
C PHE B 346 -11.10 29.69 -5.42
N ALA B 347 -10.73 30.95 -5.67
CA ALA B 347 -9.88 31.70 -4.76
C ALA B 347 -10.47 31.72 -3.35
N ALA B 348 -11.79 31.90 -3.26
CA ALA B 348 -12.46 31.86 -1.95
C ALA B 348 -12.27 30.52 -1.24
N SER B 349 -12.29 29.42 -2.00
CA SER B 349 -12.14 28.10 -1.37
C SER B 349 -10.70 27.88 -0.90
N VAL B 350 -9.74 28.46 -1.62
CA VAL B 350 -8.35 28.47 -1.18
C VAL B 350 -8.20 29.26 0.14
N LYS B 351 -8.87 30.40 0.24
CA LYS B 351 -8.90 31.18 1.48
C LYS B 351 -9.45 30.41 2.68
N VAL B 352 -10.50 29.61 2.45
CA VAL B 352 -11.10 28.77 3.50
C VAL B 352 -10.02 27.82 4.05
N LEU B 353 -9.34 27.13 3.13
CA LEU B 353 -8.27 26.20 3.48
C LEU B 353 -7.10 26.89 4.19
N TRP B 354 -6.71 28.05 3.69
CA TRP B 354 -5.62 28.82 4.29
C TRP B 354 -5.99 29.29 5.69
N SER B 355 -7.25 29.68 5.87
CA SER B 355 -7.72 30.18 7.19
C SER B 355 -7.70 29.10 8.28
N LYS B 356 -7.86 27.83 7.86
CA LYS B 356 -7.75 26.69 8.78
C LYS B 356 -6.30 26.35 9.10
N THR B 357 -5.38 26.90 8.31
CA THR B 357 -3.97 26.55 8.38
C THR B 357 -3.20 27.58 9.19
N TYR B 358 -3.30 28.83 8.74
CA TYR B 358 -2.63 29.97 9.34
C TYR B 358 -2.84 30.04 10.86
N LYS B 359 -1.74 30.03 11.59
CA LYS B 359 -1.74 30.14 13.05
C LYS B 359 -2.58 29.10 13.80
N ARG B 360 -2.69 27.91 13.22
CA ARG B 360 -3.35 26.79 13.90
C ARG B 360 -2.53 26.37 15.13
N GLN B 361 -3.21 25.75 16.10
CA GLN B 361 -2.55 25.37 17.37
C GLN B 361 -2.39 23.86 17.55
N LYS B 362 -2.98 23.09 16.63
CA LYS B 362 -2.83 21.63 16.59
C LYS B 362 -3.12 21.09 15.19
C1 IPE C . 5.13 -16.67 -3.60
O1 IPE C . 4.75 -16.83 -4.97
C2 IPE C . 3.91 -16.29 -2.76
C3 IPE C . 2.79 -17.30 -2.90
C4 IPE C . 2.94 -18.58 -2.58
C5 IPE C . 1.47 -16.83 -3.45
PA IPE C . 5.72 -17.52 -6.05
O1A IPE C . 5.05 -17.38 -7.38
O2A IPE C . 6.08 -18.92 -5.59
O3A IPE C . 7.06 -16.62 -5.97
PB IPE C . 8.04 -16.05 -7.14
O1B IPE C . 8.11 -17.05 -8.27
O2B IPE C . 7.45 -14.72 -7.54
O3B IPE C . 9.33 -15.90 -6.35
O11 476 D . 5.99 -16.96 -0.25
P10 476 D . 5.55 -17.21 1.18
O13 476 D . 6.17 -16.24 2.16
O12 476 D . 5.66 -18.65 1.59
C8 476 D . 3.75 -16.79 1.14
P9 476 D . 2.83 -17.13 2.68
O15 476 D . 3.50 -16.40 3.82
O14 476 D . 1.42 -16.66 2.44
O16 476 D . 2.87 -18.64 2.84
C7 476 D . 3.70 -15.30 0.74
N2 476 D . 2.38 -14.73 0.42
C1 476 D . 2.20 -13.46 0.82
C6 476 D . 1.01 -12.78 0.60
C5 476 D . -0.01 -13.43 -0.09
C4 476 D . 0.19 -14.75 -0.52
C3 476 D . 1.42 -15.39 -0.26
C17 476 D . 0.95 -11.35 1.14
C18 476 D . -0.25 -10.52 0.75
C19 476 D . -0.19 -9.19 1.50
C20 476 D . -1.43 -8.35 1.25
CA CA E . 2.54 -14.80 5.38
CA CA F . 4.25 -20.33 2.29
CA CA G . 5.69 -15.61 4.17
C1 IPE H . -0.71 14.66 10.37
O1 IPE H . -1.64 15.46 9.65
C2 IPE H . 0.47 14.27 9.46
C3 IPE H . 1.09 15.50 8.84
C4 IPE H . 1.70 16.41 9.60
C5 IPE H . 1.03 15.68 7.36
PA IPE H . -2.82 16.26 10.40
O1A IPE H . -3.69 16.89 9.33
O2A IPE H . -2.23 17.17 11.47
O3A IPE H . -3.59 15.06 11.17
PB IPE H . -5.17 14.76 11.44
O1B IPE H . -5.90 16.08 11.54
O2B IPE H . -5.59 13.95 10.24
O3B IPE H . -5.11 13.96 12.74
O11 476 I . 1.85 13.26 12.23
P10 476 I . 3.33 13.00 12.34
O13 476 I . 3.65 11.58 12.75
O12 476 I . 4.04 14.02 13.20
C8 476 I . 3.96 13.17 10.62
P9 476 I . 5.78 13.06 10.45
O15 476 I . 6.27 11.75 11.02
O14 476 I . 6.07 13.17 8.97
O16 476 I . 6.30 14.28 11.19
C7 476 I . 3.25 12.06 9.83
N2 476 I . 3.41 12.03 8.37
C1 476 I . 3.54 10.81 7.83
C6 476 I . 3.68 10.62 6.47
C5 476 I . 3.65 11.74 5.63
C4 476 I . 3.50 13.01 6.19
C3 476 I . 3.36 13.14 7.59
C17 476 I . 3.85 9.19 6.00
C18 476 I . 3.76 8.96 4.51
C19 476 I . 4.01 7.47 4.25
C20 476 I . 4.06 7.14 2.77
CA CA J . 7.62 10.01 10.07
CA CA K . 5.68 15.55 12.95
CA CA L . 5.35 10.33 12.73
#